data_6FEL
#
_entry.id   6FEL
#
_cell.length_a   115.734
_cell.length_b   115.734
_cell.length_c   203.963
_cell.angle_alpha   90.00
_cell.angle_beta   90.00
_cell.angle_gamma   120.00
#
_symmetry.space_group_name_H-M   'H 3'
#
loop_
_entity.id
_entity.type
_entity.pdbx_description
1 polymer '14-3-3 protein gamma'
2 polymer 'Calcium/calmodulin-dependent protein kinase kinase 2'
3 water water
#
loop_
_entity_poly.entity_id
_entity_poly.type
_entity_poly.pdbx_seq_one_letter_code
_entity_poly.pdbx_strand_id
1 'polypeptide(L)'
;GHMVDREQLVQKARLAEQAERYDDMAAAMKNVTELNEPLSNEERNLLSVAYKNVVGARRSSWRVISSIEQKTSADGNEKK
IEMVRAYREKIEKELEAVCQDVLSLLDNYLIKNCSETQYESKVFYLKMKGDYYRYLAEVATGEKRATVVESSEKAYSEAH
EISKEHMQPTHPIRLGLALNYSVFYYEIQNAPEQACHLAKTAFDDAIAELDTLNEDSYKDSTLIMQLLRDNLTLWT
;
A,C,B,D
2 'polypeptide(L)' RSL(SEP)APGN E,F,G,H
#
# COMPACT_ATOMS: atom_id res chain seq x y z
N VAL A 4 14.37 -37.35 -1.49
CA VAL A 4 14.27 -36.05 -0.82
C VAL A 4 13.36 -36.19 0.41
N ASP A 5 13.90 -35.82 1.57
CA ASP A 5 13.16 -36.03 2.81
C ASP A 5 12.22 -34.87 3.08
N ARG A 6 11.36 -35.05 4.10
CA ARG A 6 10.30 -34.09 4.36
C ARG A 6 10.87 -32.73 4.76
N GLU A 7 11.93 -32.70 5.54
CA GLU A 7 12.47 -31.41 5.98
C GLU A 7 13.25 -30.69 4.88
N GLN A 8 13.80 -31.41 3.90
CA GLN A 8 14.42 -30.75 2.76
C GLN A 8 13.37 -30.11 1.87
N LEU A 9 12.19 -30.71 1.78
CA LEU A 9 11.09 -30.07 1.07
C LEU A 9 10.64 -28.81 1.77
N VAL A 10 10.51 -28.86 3.10
CA VAL A 10 10.16 -27.66 3.85
C VAL A 10 11.24 -26.59 3.69
N GLN A 11 12.50 -27.02 3.64
CA GLN A 11 13.58 -26.07 3.35
C GLN A 11 13.43 -25.47 1.95
N LYS A 12 13.04 -26.29 0.97
CA LYS A 12 12.86 -25.81 -0.40
C LYS A 12 11.71 -24.81 -0.48
N ALA A 13 10.67 -24.99 0.33
CA ALA A 13 9.54 -24.08 0.32
C ALA A 13 9.93 -22.72 0.87
N ARG A 14 10.61 -22.68 2.02
CA ARG A 14 11.05 -21.41 2.57
C ARG A 14 12.16 -20.76 1.76
N LEU A 15 12.81 -21.49 0.86
CA LEU A 15 13.79 -20.87 -0.02
C LEU A 15 13.11 -20.18 -1.21
N ALA A 16 12.10 -20.83 -1.79
CA ALA A 16 11.37 -20.21 -2.88
C ALA A 16 10.59 -18.98 -2.43
N GLU A 17 10.37 -18.82 -1.12
CA GLU A 17 9.65 -17.64 -0.64
C GLU A 17 10.53 -16.39 -0.74
N GLN A 18 11.76 -16.47 -0.24
CA GLN A 18 12.68 -15.34 -0.38
C GLN A 18 13.09 -15.14 -1.84
N ALA A 19 13.06 -16.21 -2.63
CA ALA A 19 13.34 -16.11 -4.05
C ALA A 19 12.13 -15.66 -4.86
N GLU A 20 11.00 -15.41 -4.19
CA GLU A 20 9.78 -14.92 -4.81
C GLU A 20 9.25 -15.87 -5.89
N ARG A 21 9.67 -17.14 -5.85
CA ARG A 21 9.18 -18.16 -6.78
C ARG A 21 8.09 -18.96 -6.09
N TYR A 22 6.89 -18.38 -6.04
CA TYR A 22 5.81 -18.97 -5.26
C TYR A 22 5.20 -20.19 -5.94
N ASP A 23 5.56 -20.48 -7.19
CA ASP A 23 5.12 -21.72 -7.81
C ASP A 23 5.88 -22.91 -7.23
N ASP A 24 7.21 -22.80 -7.11
CA ASP A 24 7.99 -23.84 -6.45
C ASP A 24 7.66 -23.93 -4.97
N MET A 25 7.42 -22.79 -4.32
CA MET A 25 6.99 -22.80 -2.93
C MET A 25 5.66 -23.52 -2.75
N ALA A 26 4.78 -23.43 -3.74
CA ALA A 26 3.52 -24.16 -3.67
C ALA A 26 3.74 -25.65 -3.87
N ALA A 27 4.53 -26.03 -4.86
CA ALA A 27 4.76 -27.44 -5.14
C ALA A 27 5.53 -28.11 -4.00
N ALA A 28 6.47 -27.39 -3.38
CA ALA A 28 7.22 -27.97 -2.28
C ALA A 28 6.34 -28.23 -1.07
N MET A 29 5.32 -27.40 -0.85
CA MET A 29 4.38 -27.62 0.25
C MET A 29 3.28 -28.60 -0.13
N LYS A 30 2.94 -28.69 -1.42
CA LYS A 30 2.03 -29.74 -1.85
C LYS A 30 2.66 -31.11 -1.63
N ASN A 31 3.97 -31.22 -1.89
CA ASN A 31 4.70 -32.46 -1.64
C ASN A 31 4.79 -32.79 -0.15
N VAL A 32 4.68 -31.79 0.73
CA VAL A 32 4.70 -32.03 2.17
C VAL A 32 3.32 -32.48 2.65
N THR A 33 2.26 -31.93 2.07
CA THR A 33 0.91 -32.35 2.44
C THR A 33 0.63 -33.78 2.00
N GLU A 34 1.02 -34.14 0.78
CA GLU A 34 0.73 -35.46 0.24
C GLU A 34 1.53 -36.57 0.92
N LEU A 35 2.33 -36.27 1.94
CA LEU A 35 2.93 -37.31 2.77
C LEU A 35 1.95 -37.86 3.81
N ASN A 36 0.69 -37.41 3.79
CA ASN A 36 -0.36 -37.94 4.66
C ASN A 36 0.00 -37.80 6.14
N GLU A 37 0.42 -36.59 6.52
CA GLU A 37 0.82 -36.30 7.88
C GLU A 37 0.42 -34.89 8.21
N PRO A 38 0.08 -34.57 9.45
CA PRO A 38 -0.37 -33.23 9.80
C PRO A 38 0.67 -32.17 9.44
N LEU A 39 0.21 -30.93 9.36
CA LEU A 39 1.08 -29.80 9.10
C LEU A 39 1.09 -28.89 10.33
N SER A 40 2.26 -28.36 10.62
CA SER A 40 2.44 -27.49 11.78
C SER A 40 1.98 -26.07 11.48
N ASN A 41 2.15 -25.19 12.47
CA ASN A 41 1.81 -23.78 12.27
C ASN A 41 2.62 -23.17 11.13
N GLU A 42 3.94 -23.33 11.17
CA GLU A 42 4.79 -22.73 10.14
C GLU A 42 4.57 -23.39 8.78
N GLU A 43 4.39 -24.71 8.76
CA GLU A 43 4.15 -25.38 7.49
C GLU A 43 2.76 -25.10 6.95
N ARG A 44 1.77 -24.93 7.83
CA ARG A 44 0.43 -24.54 7.39
C ARG A 44 0.47 -23.19 6.68
N ASN A 45 1.14 -22.21 7.29
CA ASN A 45 1.25 -20.89 6.68
C ASN A 45 2.14 -20.92 5.45
N LEU A 46 3.13 -21.82 5.42
CA LEU A 46 3.95 -21.97 4.22
C LEU A 46 3.09 -22.35 3.03
N LEU A 47 2.22 -23.36 3.21
CA LEU A 47 1.29 -23.71 2.16
C LEU A 47 0.34 -22.55 1.86
N SER A 48 -0.11 -21.86 2.90
CA SER A 48 -1.10 -20.79 2.73
C SER A 48 -0.52 -19.64 1.93
N VAL A 49 0.64 -19.13 2.34
CA VAL A 49 1.26 -18.02 1.65
C VAL A 49 1.59 -18.40 0.21
N ALA A 50 2.03 -19.65 0.00
CA ALA A 50 2.41 -20.11 -1.33
C ALA A 50 1.25 -19.99 -2.32
N TYR A 51 0.12 -20.60 -1.99
CA TYR A 51 -1.01 -20.60 -2.91
C TYR A 51 -1.76 -19.26 -2.92
N LYS A 52 -1.74 -18.53 -1.81
CA LYS A 52 -2.32 -17.18 -1.79
C LYS A 52 -1.60 -16.26 -2.77
N ASN A 53 -0.30 -16.46 -2.98
CA ASN A 53 0.41 -15.66 -3.96
C ASN A 53 0.19 -16.17 -5.39
N VAL A 54 0.13 -17.49 -5.56
CA VAL A 54 -0.02 -18.06 -6.90
C VAL A 54 -1.37 -17.66 -7.49
N VAL A 55 -2.46 -17.89 -6.76
CA VAL A 55 -3.77 -17.49 -7.27
C VAL A 55 -3.90 -15.97 -7.27
N GLY A 56 -3.23 -15.29 -6.34
CA GLY A 56 -3.32 -13.84 -6.28
C GLY A 56 -2.67 -13.16 -7.48
N ALA A 57 -1.64 -13.77 -8.04
CA ALA A 57 -1.08 -13.24 -9.29
C ALA A 57 -2.09 -13.28 -10.41
N ARG A 58 -2.83 -14.38 -10.50
CA ARG A 58 -3.84 -14.52 -11.53
C ARG A 58 -5.03 -13.61 -11.28
N ARG A 59 -5.39 -13.42 -10.01
CA ARG A 59 -6.50 -12.51 -9.68
C ARG A 59 -6.18 -11.10 -10.13
N SER A 60 -4.99 -10.61 -9.81
CA SER A 60 -4.60 -9.26 -10.22
C SER A 60 -4.52 -9.15 -11.73
N SER A 61 -3.97 -10.16 -12.40
CA SER A 61 -3.96 -10.17 -13.86
C SER A 61 -5.37 -10.20 -14.42
N TRP A 62 -6.21 -11.11 -13.91
CA TRP A 62 -7.56 -11.23 -14.44
C TRP A 62 -8.32 -9.93 -14.31
N ARG A 63 -8.23 -9.27 -13.15
CA ARG A 63 -8.90 -8.00 -12.95
C ARG A 63 -8.37 -6.92 -13.89
N VAL A 64 -7.12 -7.02 -14.32
CA VAL A 64 -6.59 -6.05 -15.27
C VAL A 64 -7.16 -6.30 -16.66
N ILE A 65 -7.16 -7.57 -17.09
CA ILE A 65 -7.72 -7.89 -18.40
C ILE A 65 -9.23 -7.66 -18.41
N SER A 66 -9.91 -7.92 -17.29
CA SER A 66 -11.35 -7.70 -17.26
C SER A 66 -11.68 -6.23 -17.44
N SER A 67 -10.88 -5.34 -16.84
CA SER A 67 -11.13 -3.91 -16.98
C SER A 67 -10.93 -3.46 -18.42
N ILE A 68 -9.85 -3.93 -19.07
CA ILE A 68 -9.62 -3.58 -20.48
C ILE A 68 -10.74 -4.14 -21.35
N GLU A 69 -11.22 -5.34 -21.04
CA GLU A 69 -12.31 -5.94 -21.81
C GLU A 69 -13.56 -5.09 -21.75
N GLN A 70 -13.85 -4.51 -20.59
CA GLN A 70 -15.03 -3.66 -20.47
C GLN A 70 -14.86 -2.36 -21.26
N LYS A 71 -13.64 -1.82 -21.32
CA LYS A 71 -13.40 -0.62 -22.11
C LYS A 71 -13.55 -0.90 -23.60
N THR A 72 -13.01 -2.04 -24.06
CA THR A 72 -13.13 -2.40 -25.48
C THR A 72 -14.56 -2.75 -25.83
N SER A 73 -15.31 -3.32 -24.89
CA SER A 73 -16.72 -3.60 -25.13
C SER A 73 -17.49 -2.31 -25.35
N ALA A 74 -17.15 -1.27 -24.60
CA ALA A 74 -17.83 0.01 -24.76
C ALA A 74 -17.49 0.67 -26.09
N ASP A 75 -16.29 0.44 -26.60
CA ASP A 75 -15.83 1.05 -27.85
C ASP A 75 -16.30 0.28 -29.08
N GLY A 76 -16.70 -0.98 -28.93
CA GLY A 76 -17.20 -1.75 -30.03
C GLY A 76 -16.16 -2.34 -30.95
N ASN A 77 -14.89 -2.34 -30.56
CA ASN A 77 -13.84 -2.92 -31.39
C ASN A 77 -13.90 -4.43 -31.26
N GLU A 78 -14.75 -5.05 -32.07
CA GLU A 78 -14.98 -6.49 -32.00
C GLU A 78 -13.85 -7.30 -32.62
N LYS A 79 -12.92 -6.66 -33.33
CA LYS A 79 -11.73 -7.36 -33.80
C LYS A 79 -10.65 -7.44 -32.73
N LYS A 80 -10.53 -6.38 -31.92
CA LYS A 80 -9.56 -6.36 -30.83
C LYS A 80 -10.03 -7.12 -29.61
N ILE A 81 -11.35 -7.28 -29.44
CA ILE A 81 -11.87 -7.84 -28.19
C ILE A 81 -11.68 -9.35 -28.14
N GLU A 82 -11.64 -10.03 -29.28
CA GLU A 82 -11.56 -11.48 -29.22
C GLU A 82 -10.17 -11.93 -28.84
N MET A 83 -9.14 -11.10 -29.04
CA MET A 83 -7.84 -11.38 -28.47
C MET A 83 -7.82 -11.04 -26.98
N VAL A 84 -8.45 -9.92 -26.60
CA VAL A 84 -8.53 -9.54 -25.19
C VAL A 84 -9.27 -10.62 -24.39
N ARG A 85 -10.37 -11.11 -24.95
CA ARG A 85 -11.19 -12.08 -24.22
C ARG A 85 -10.54 -13.44 -24.21
N ALA A 86 -9.89 -13.85 -25.30
CA ALA A 86 -9.17 -15.11 -25.31
C ALA A 86 -8.07 -15.14 -24.26
N TYR A 87 -7.41 -14.00 -24.03
CA TYR A 87 -6.43 -13.92 -22.96
C TYR A 87 -7.08 -13.98 -21.59
N ARG A 88 -8.29 -13.41 -21.46
CA ARG A 88 -8.99 -13.49 -20.18
C ARG A 88 -9.34 -14.93 -19.83
N GLU A 89 -9.80 -15.71 -20.81
CA GLU A 89 -10.11 -17.12 -20.54
C GLU A 89 -8.85 -17.91 -20.17
N LYS A 90 -7.72 -17.59 -20.82
CA LYS A 90 -6.48 -18.28 -20.48
C LYS A 90 -6.14 -18.10 -19.00
N ILE A 91 -6.17 -16.86 -18.52
CA ILE A 91 -5.86 -16.60 -17.12
C ILE A 91 -6.91 -17.20 -16.21
N GLU A 92 -8.18 -17.19 -16.63
CA GLU A 92 -9.23 -17.83 -15.85
C GLU A 92 -8.96 -19.32 -15.68
N LYS A 93 -8.74 -20.03 -16.79
CA LYS A 93 -8.46 -21.45 -16.71
C LYS A 93 -7.22 -21.73 -15.87
N GLU A 94 -6.21 -20.87 -15.94
CA GLU A 94 -5.07 -21.01 -15.03
C GLU A 94 -5.49 -20.77 -13.58
N LEU A 95 -6.34 -19.75 -13.37
CA LEU A 95 -6.79 -19.43 -12.01
C LEU A 95 -7.60 -20.57 -11.42
N GLU A 96 -8.44 -21.22 -12.23
CA GLU A 96 -9.25 -22.31 -11.72
C GLU A 96 -8.39 -23.53 -11.40
N ALA A 97 -7.44 -23.86 -12.28
CA ALA A 97 -6.59 -25.02 -12.06
C ALA A 97 -5.84 -24.95 -10.73
N VAL A 98 -5.44 -23.76 -10.31
CA VAL A 98 -4.79 -23.61 -9.01
C VAL A 98 -5.78 -23.86 -7.89
N CYS A 99 -7.00 -23.35 -8.04
CA CYS A 99 -7.97 -23.42 -6.95
C CYS A 99 -8.42 -24.86 -6.70
N GLN A 100 -8.80 -25.57 -7.76
CA GLN A 100 -9.16 -26.98 -7.60
C GLN A 100 -7.99 -27.78 -7.05
N ASP A 101 -6.76 -27.40 -7.41
CA ASP A 101 -5.57 -28.03 -6.83
C ASP A 101 -5.50 -27.76 -5.32
N VAL A 102 -5.86 -26.55 -4.89
CA VAL A 102 -5.87 -26.25 -3.46
C VAL A 102 -7.02 -26.96 -2.77
N LEU A 103 -8.22 -26.90 -3.35
CA LEU A 103 -9.38 -27.53 -2.73
C LEU A 103 -9.20 -29.03 -2.63
N SER A 104 -8.58 -29.65 -3.64
CA SER A 104 -8.42 -31.09 -3.63
C SER A 104 -7.49 -31.54 -2.51
N LEU A 105 -6.55 -30.70 -2.11
CA LEU A 105 -5.62 -31.04 -1.03
C LEU A 105 -6.17 -30.70 0.35
N LEU A 106 -7.37 -30.13 0.44
CA LEU A 106 -8.01 -29.86 1.71
C LEU A 106 -9.04 -30.94 2.07
N ASP A 107 -9.92 -31.29 1.13
CA ASP A 107 -10.91 -32.32 1.40
C ASP A 107 -10.26 -33.69 1.59
N ASN A 108 -9.18 -33.97 0.86
CA ASN A 108 -8.57 -35.30 0.87
C ASN A 108 -7.46 -35.45 1.91
N TYR A 109 -6.74 -34.36 2.24
CA TYR A 109 -5.60 -34.46 3.16
C TYR A 109 -5.79 -33.65 4.43
N LEU A 110 -6.10 -32.35 4.31
CA LEU A 110 -5.95 -31.45 5.46
C LEU A 110 -7.19 -31.38 6.34
N ILE A 111 -8.38 -31.27 5.75
CA ILE A 111 -9.58 -31.31 6.58
C ILE A 111 -9.84 -32.72 7.08
N LYS A 112 -9.54 -33.73 6.25
CA LYS A 112 -9.87 -35.11 6.60
C LYS A 112 -8.98 -35.64 7.73
N ASN A 113 -7.73 -35.18 7.81
CA ASN A 113 -6.80 -35.71 8.80
C ASN A 113 -6.98 -35.11 10.18
N CYS A 114 -7.68 -33.99 10.30
CA CYS A 114 -7.82 -33.32 11.58
C CYS A 114 -8.65 -34.14 12.55
N SER A 115 -8.19 -34.22 13.80
CA SER A 115 -9.02 -34.76 14.87
C SER A 115 -10.05 -33.72 15.30
N GLU A 116 -11.17 -34.21 15.87
CA GLU A 116 -12.25 -33.29 16.21
C GLU A 116 -11.84 -32.32 17.30
N THR A 117 -10.99 -32.74 18.24
CA THR A 117 -10.46 -31.84 19.26
C THR A 117 -9.41 -30.88 18.72
N GLN A 118 -9.04 -31.00 17.43
CA GLN A 118 -8.16 -30.04 16.77
C GLN A 118 -9.07 -29.05 16.04
N TYR A 119 -9.41 -27.95 16.71
CA TYR A 119 -10.32 -26.98 16.16
C TYR A 119 -9.61 -25.84 15.43
N GLU A 120 -8.36 -25.55 15.81
CA GLU A 120 -7.61 -24.47 15.16
C GLU A 120 -7.30 -24.83 13.70
N SER A 121 -6.83 -26.06 13.46
CA SER A 121 -6.49 -26.45 12.10
C SER A 121 -7.71 -26.62 11.22
N LYS A 122 -8.85 -27.01 11.79
CA LYS A 122 -10.05 -27.20 10.99
C LYS A 122 -10.61 -25.87 10.49
N VAL A 123 -10.74 -24.90 11.39
CA VAL A 123 -11.21 -23.57 11.00
C VAL A 123 -10.24 -22.95 10.00
N PHE A 124 -8.94 -23.17 10.19
CA PHE A 124 -7.95 -22.73 9.22
C PHE A 124 -8.24 -23.32 7.83
N TYR A 125 -8.30 -24.65 7.74
CA TYR A 125 -8.50 -25.31 6.46
C TYR A 125 -9.90 -25.06 5.90
N LEU A 126 -10.88 -24.80 6.78
CA LEU A 126 -12.21 -24.49 6.30
C LEU A 126 -12.29 -23.07 5.76
N LYS A 127 -11.58 -22.14 6.41
CA LYS A 127 -11.48 -20.79 5.87
C LYS A 127 -10.73 -20.79 4.54
N MET A 128 -9.72 -21.66 4.40
CA MET A 128 -9.10 -21.88 3.12
C MET A 128 -10.12 -22.38 2.10
N LYS A 129 -10.96 -23.34 2.50
CA LYS A 129 -11.98 -23.84 1.59
C LYS A 129 -12.93 -22.74 1.17
N GLY A 130 -13.37 -21.91 2.11
CA GLY A 130 -14.22 -20.79 1.76
C GLY A 130 -13.50 -19.75 0.90
N ASP A 131 -12.23 -19.51 1.21
CA ASP A 131 -11.48 -18.49 0.47
C ASP A 131 -11.38 -18.84 -1.01
N TYR A 132 -10.91 -20.06 -1.31
CA TYR A 132 -10.66 -20.43 -2.70
C TYR A 132 -11.93 -20.70 -3.47
N TYR A 133 -12.99 -21.17 -2.81
CA TYR A 133 -14.28 -21.23 -3.48
C TYR A 133 -14.81 -19.85 -3.80
N ARG A 134 -14.54 -18.87 -2.92
CA ARG A 134 -14.84 -17.48 -3.23
C ARG A 134 -14.00 -16.97 -4.39
N TYR A 135 -12.74 -17.41 -4.49
CA TYR A 135 -11.88 -16.98 -5.58
C TYR A 135 -12.36 -17.49 -6.92
N LEU A 136 -12.91 -18.71 -6.96
CA LEU A 136 -13.53 -19.20 -8.20
C LEU A 136 -14.80 -18.43 -8.51
N ALA A 137 -15.58 -18.09 -7.48
CA ALA A 137 -16.81 -17.34 -7.69
C ALA A 137 -16.55 -15.92 -8.18
N GLU A 138 -15.32 -15.41 -8.02
CA GLU A 138 -14.97 -14.09 -8.52
C GLU A 138 -14.99 -14.03 -10.04
N VAL A 139 -14.61 -15.13 -10.70
CA VAL A 139 -14.56 -15.20 -12.15
C VAL A 139 -15.60 -16.12 -12.73
N ALA A 140 -16.41 -16.78 -11.90
CA ALA A 140 -17.45 -17.66 -12.39
C ALA A 140 -18.65 -16.85 -12.87
N THR A 141 -19.54 -17.53 -13.59
CA THR A 141 -20.68 -16.86 -14.19
C THR A 141 -21.74 -17.91 -14.54
N GLY A 142 -23.00 -17.60 -14.21
CA GLY A 142 -24.12 -18.43 -14.62
C GLY A 142 -24.34 -19.68 -13.79
N GLU A 143 -24.30 -20.83 -14.45
CA GLU A 143 -24.59 -22.09 -13.77
C GLU A 143 -23.45 -22.48 -12.83
N LYS A 144 -22.22 -22.41 -13.33
CA LYS A 144 -21.07 -22.80 -12.52
C LYS A 144 -20.90 -21.91 -11.30
N ARG A 145 -21.34 -20.65 -11.37
CA ARG A 145 -21.17 -19.73 -10.25
C ARG A 145 -21.99 -20.18 -9.05
N ALA A 146 -23.28 -20.48 -9.27
CA ALA A 146 -24.17 -20.84 -8.16
C ALA A 146 -23.65 -22.02 -7.35
N THR A 147 -22.83 -22.87 -7.95
CA THR A 147 -22.27 -24.01 -7.23
C THR A 147 -21.16 -23.57 -6.28
N VAL A 148 -20.20 -22.77 -6.76
CA VAL A 148 -19.07 -22.39 -5.92
C VAL A 148 -19.50 -21.38 -4.86
N VAL A 149 -20.50 -20.55 -5.13
CA VAL A 149 -21.01 -19.63 -4.10
C VAL A 149 -21.64 -20.42 -2.97
N GLU A 150 -22.33 -21.51 -3.29
CA GLU A 150 -22.88 -22.36 -2.23
C GLU A 150 -21.76 -23.03 -1.46
N SER A 151 -20.73 -23.53 -2.16
CA SER A 151 -19.62 -24.21 -1.50
C SER A 151 -18.85 -23.26 -0.59
N SER A 152 -18.64 -22.02 -1.04
CA SER A 152 -17.98 -21.04 -0.18
C SER A 152 -18.84 -20.75 1.05
N GLU A 153 -20.15 -20.63 0.86
CA GLU A 153 -21.05 -20.46 1.99
C GLU A 153 -20.98 -21.64 2.96
N LYS A 154 -21.03 -22.87 2.43
CA LYS A 154 -21.01 -24.06 3.28
C LYS A 154 -19.71 -24.14 4.08
N ALA A 155 -18.58 -23.80 3.46
CA ALA A 155 -17.30 -23.87 4.17
C ALA A 155 -17.19 -22.75 5.19
N TYR A 156 -17.65 -21.54 4.85
CA TYR A 156 -17.55 -20.41 5.77
C TYR A 156 -18.52 -20.55 6.94
N SER A 157 -19.72 -21.08 6.69
CA SER A 157 -20.70 -21.20 7.76
C SER A 157 -20.26 -22.22 8.82
N GLU A 158 -19.82 -23.40 8.37
CA GLU A 158 -19.37 -24.41 9.30
C GLU A 158 -18.16 -23.92 10.10
N ALA A 159 -17.20 -23.29 9.42
CA ALA A 159 -16.01 -22.80 10.09
C ALA A 159 -16.33 -21.67 11.08
N HIS A 160 -17.33 -20.85 10.76
CA HIS A 160 -17.75 -19.81 11.71
C HIS A 160 -18.37 -20.44 12.96
N GLU A 161 -19.18 -21.48 12.79
CA GLU A 161 -19.81 -22.12 13.94
C GLU A 161 -18.77 -22.80 14.82
N ILE A 162 -17.74 -23.40 14.22
CA ILE A 162 -16.66 -23.99 14.99
C ILE A 162 -15.84 -22.91 15.71
N SER A 163 -15.73 -21.73 15.10
CA SER A 163 -14.80 -20.72 15.61
C SER A 163 -15.35 -20.02 16.86
N LYS A 164 -16.65 -19.74 16.90
CA LYS A 164 -17.22 -19.13 18.10
C LYS A 164 -17.30 -20.12 19.25
N GLU A 165 -17.20 -21.42 18.96
CA GLU A 165 -17.27 -22.43 20.01
C GLU A 165 -15.97 -22.53 20.79
N HIS A 166 -14.86 -22.86 20.12
CA HIS A 166 -13.61 -23.16 20.80
C HIS A 166 -12.47 -22.22 20.42
N MET A 167 -12.79 -20.98 20.08
CA MET A 167 -11.75 -19.97 19.82
C MET A 167 -12.17 -18.64 20.43
N GLN A 168 -11.24 -18.03 21.17
CA GLN A 168 -11.49 -16.75 21.81
C GLN A 168 -11.60 -15.64 20.76
N PRO A 169 -12.23 -14.52 21.10
CA PRO A 169 -12.45 -13.45 20.10
C PRO A 169 -11.17 -12.86 19.52
N THR A 170 -10.08 -12.80 20.28
CA THR A 170 -8.86 -12.16 19.80
C THR A 170 -7.94 -13.12 19.04
N HIS A 171 -8.41 -14.31 18.70
CA HIS A 171 -7.58 -15.24 17.92
C HIS A 171 -7.50 -14.77 16.47
N PRO A 172 -6.29 -14.57 15.94
CA PRO A 172 -6.19 -14.04 14.57
C PRO A 172 -6.76 -14.96 13.50
N ILE A 173 -7.00 -16.24 13.80
CA ILE A 173 -7.67 -17.10 12.85
C ILE A 173 -9.18 -16.91 12.91
N ARG A 174 -9.74 -16.84 14.13
CA ARG A 174 -11.16 -16.54 14.26
C ARG A 174 -11.49 -15.18 13.68
N LEU A 175 -10.62 -14.19 13.90
CA LEU A 175 -10.84 -12.86 13.32
C LEU A 175 -10.63 -12.87 11.82
N GLY A 176 -9.72 -13.71 11.33
CA GLY A 176 -9.45 -13.74 9.89
C GLY A 176 -10.62 -14.27 9.08
N LEU A 177 -11.32 -15.28 9.60
CA LEU A 177 -12.47 -15.81 8.87
C LEU A 177 -13.63 -14.83 8.89
N ALA A 178 -13.89 -14.22 10.04
CA ALA A 178 -14.93 -13.21 10.13
C ALA A 178 -14.72 -12.09 9.12
N LEU A 179 -13.46 -11.73 8.86
CA LEU A 179 -13.18 -10.72 7.84
C LEU A 179 -13.53 -11.25 6.45
N ASN A 180 -12.98 -12.40 6.07
CA ASN A 180 -13.19 -12.92 4.73
C ASN A 180 -14.63 -13.36 4.51
N TYR A 181 -15.33 -13.74 5.59
CA TYR A 181 -16.74 -14.10 5.47
C TYR A 181 -17.59 -12.89 5.12
N SER A 182 -17.35 -11.75 5.79
CA SER A 182 -18.10 -10.55 5.43
C SER A 182 -17.74 -10.07 4.04
N VAL A 183 -16.48 -10.27 3.62
CA VAL A 183 -16.12 -9.95 2.24
C VAL A 183 -16.92 -10.82 1.28
N PHE A 184 -17.14 -12.09 1.63
CA PHE A 184 -17.97 -12.97 0.82
C PHE A 184 -19.43 -12.53 0.81
N TYR A 185 -19.91 -11.96 1.92
CA TYR A 185 -21.29 -11.52 1.95
C TYR A 185 -21.53 -10.29 1.09
N TYR A 186 -20.55 -9.40 0.99
CA TYR A 186 -20.68 -8.14 0.25
C TYR A 186 -20.24 -8.28 -1.20
N GLU A 187 -19.05 -8.85 -1.46
CA GLU A 187 -18.52 -8.86 -2.82
C GLU A 187 -19.14 -9.94 -3.68
N ILE A 188 -19.69 -10.99 -3.08
CA ILE A 188 -20.18 -12.14 -3.85
C ILE A 188 -21.70 -12.22 -3.82
N GLN A 189 -22.26 -12.25 -2.61
CA GLN A 189 -23.70 -12.39 -2.42
C GLN A 189 -24.44 -11.07 -2.50
N ASN A 190 -23.73 -9.93 -2.46
CA ASN A 190 -24.33 -8.60 -2.55
C ASN A 190 -25.23 -8.30 -1.35
N ALA A 191 -24.88 -8.82 -0.17
CA ALA A 191 -25.66 -8.61 1.05
C ALA A 191 -24.88 -7.71 2.01
N PRO A 192 -25.07 -6.39 1.96
CA PRO A 192 -24.27 -5.49 2.81
C PRO A 192 -24.63 -5.57 4.27
N GLU A 193 -25.92 -5.70 4.57
CA GLU A 193 -26.36 -5.72 5.98
C GLU A 193 -25.89 -6.99 6.69
N GLN A 194 -25.90 -8.13 6.00
CA GLN A 194 -25.31 -9.34 6.57
C GLN A 194 -23.79 -9.23 6.63
N ALA A 195 -23.19 -8.44 5.74
CA ALA A 195 -21.75 -8.28 5.73
C ALA A 195 -21.28 -7.29 6.79
N CYS A 196 -22.05 -6.22 7.01
CA CYS A 196 -21.67 -5.26 8.05
C CYS A 196 -21.98 -5.78 9.44
N HIS A 197 -22.97 -6.67 9.57
CA HIS A 197 -23.27 -7.25 10.88
C HIS A 197 -22.18 -8.22 11.30
N LEU A 198 -21.71 -9.05 10.37
CA LEU A 198 -20.65 -9.99 10.69
C LEU A 198 -19.34 -9.27 11.01
N ALA A 199 -19.04 -8.21 10.27
CA ALA A 199 -17.80 -7.48 10.52
C ALA A 199 -17.87 -6.71 11.83
N LYS A 200 -19.01 -6.07 12.10
CA LYS A 200 -19.15 -5.28 13.33
C LYS A 200 -19.11 -6.17 14.56
N THR A 201 -19.75 -7.35 14.49
CA THR A 201 -19.76 -8.26 15.64
C THR A 201 -18.36 -8.76 15.96
N ALA A 202 -17.59 -9.11 14.94
CA ALA A 202 -16.23 -9.59 15.16
C ALA A 202 -15.36 -8.50 15.80
N PHE A 203 -15.54 -7.25 15.37
CA PHE A 203 -14.72 -6.17 15.89
C PHE A 203 -15.05 -5.87 17.35
N ASP A 204 -16.34 -5.91 17.69
CA ASP A 204 -16.76 -5.60 19.07
C ASP A 204 -16.45 -6.75 20.02
N ASP A 205 -16.54 -7.99 19.55
CA ASP A 205 -16.20 -9.13 20.40
C ASP A 205 -14.72 -9.10 20.80
N ALA A 206 -13.87 -8.58 19.92
CA ALA A 206 -12.44 -8.52 20.17
C ALA A 206 -11.99 -7.25 20.84
N ILE A 207 -12.83 -6.21 20.85
CA ILE A 207 -12.42 -4.96 21.49
C ILE A 207 -12.48 -5.07 23.01
N ALA A 208 -13.31 -5.98 23.54
CA ALA A 208 -13.42 -6.16 24.99
C ALA A 208 -12.36 -7.10 25.54
N GLU A 209 -11.98 -8.14 24.79
CA GLU A 209 -10.98 -9.10 25.22
C GLU A 209 -9.59 -8.72 24.75
N LEU A 210 -9.32 -7.42 24.63
CA LEU A 210 -8.12 -6.95 23.93
C LEU A 210 -6.85 -7.15 24.76
N ASP A 211 -6.95 -7.09 26.08
CA ASP A 211 -5.79 -7.31 26.94
C ASP A 211 -5.48 -8.78 27.16
N THR A 212 -6.36 -9.67 26.73
CA THR A 212 -6.11 -11.11 26.72
C THR A 212 -5.34 -11.54 25.48
N LEU A 213 -5.17 -10.63 24.52
CA LEU A 213 -4.45 -10.90 23.29
C LEU A 213 -2.94 -10.89 23.51
N TYR A 218 -0.52 -10.29 18.71
CA TYR A 218 -1.08 -8.94 18.81
C TYR A 218 -0.92 -8.16 17.50
N LYS A 219 0.26 -8.27 16.89
CA LYS A 219 0.50 -7.58 15.62
C LYS A 219 -0.46 -8.07 14.54
N ASP A 220 -0.75 -9.38 14.54
CA ASP A 220 -1.70 -9.92 13.58
C ASP A 220 -3.12 -9.45 13.87
N SER A 221 -3.63 -9.76 15.07
CA SER A 221 -5.04 -9.52 15.38
C SER A 221 -5.44 -8.07 15.18
N THR A 222 -4.63 -7.13 15.70
CA THR A 222 -4.94 -5.72 15.55
C THR A 222 -4.95 -5.30 14.08
N LEU A 223 -4.08 -5.91 13.26
CA LEU A 223 -4.07 -5.61 11.84
C LEU A 223 -5.33 -6.12 11.15
N ILE A 224 -5.71 -7.38 11.43
CA ILE A 224 -6.95 -7.93 10.90
C ILE A 224 -8.15 -7.10 11.38
N MET A 225 -8.11 -6.67 12.64
CA MET A 225 -9.17 -5.78 13.12
C MET A 225 -9.11 -4.42 12.45
N GLN A 226 -7.92 -3.95 12.12
CA GLN A 226 -7.82 -2.71 11.36
C GLN A 226 -8.44 -2.87 9.97
N LEU A 227 -8.18 -4.00 9.32
CA LEU A 227 -8.84 -4.28 8.04
C LEU A 227 -10.35 -4.37 8.20
N LEU A 228 -10.82 -4.83 9.37
CA LEU A 228 -12.25 -4.95 9.61
C LEU A 228 -12.92 -3.58 9.59
N ARG A 229 -12.47 -2.67 10.45
CA ARG A 229 -13.07 -1.35 10.50
C ARG A 229 -12.83 -0.58 9.20
N ASP A 230 -11.75 -0.88 8.49
CA ASP A 230 -11.53 -0.28 7.18
C ASP A 230 -12.59 -0.75 6.18
N ASN A 231 -12.83 -2.06 6.13
CA ASN A 231 -13.94 -2.57 5.35
C ASN A 231 -15.27 -2.00 5.85
N LEU A 232 -15.40 -1.84 7.17
CA LEU A 232 -16.65 -1.32 7.73
C LEU A 232 -16.93 0.09 7.25
N THR A 233 -15.89 0.96 7.27
CA THR A 233 -16.07 2.31 6.80
C THR A 233 -16.41 2.35 5.31
N LEU A 234 -15.69 1.57 4.50
CA LEU A 234 -15.93 1.58 3.06
C LEU A 234 -17.37 1.20 2.73
N TRP A 235 -17.95 0.28 3.50
CA TRP A 235 -19.33 -0.14 3.31
C TRP A 235 -20.33 0.78 3.98
N THR A 236 -19.84 1.80 4.70
CA THR A 236 -20.69 2.80 5.31
C THR A 236 -20.33 4.17 4.74
N VAL B 4 -5.00 8.31 36.56
CA VAL B 4 -5.38 6.92 36.28
C VAL B 4 -4.23 5.97 36.62
N ASP B 5 -4.57 4.74 37.03
CA ASP B 5 -3.57 3.74 37.38
C ASP B 5 -2.93 3.16 36.12
N ARG B 6 -1.75 2.55 36.29
CA ARG B 6 -0.90 2.17 35.17
C ARG B 6 -1.54 1.14 34.25
N GLU B 7 -2.32 0.21 34.82
CA GLU B 7 -2.92 -0.81 33.97
C GLU B 7 -4.09 -0.26 33.17
N GLN B 8 -4.74 0.79 33.65
CA GLN B 8 -5.75 1.47 32.84
C GLN B 8 -5.13 2.42 31.84
N LEU B 9 -3.96 2.97 32.15
CA LEU B 9 -3.22 3.73 31.15
C LEU B 9 -2.83 2.86 29.97
N VAL B 10 -2.38 1.64 30.24
CA VAL B 10 -2.06 0.71 29.16
C VAL B 10 -3.34 0.24 28.48
N GLN B 11 -4.43 0.08 29.24
CA GLN B 11 -5.72 -0.23 28.64
C GLN B 11 -6.18 0.87 27.70
N LYS B 12 -6.00 2.13 28.12
CA LYS B 12 -6.41 3.25 27.28
C LYS B 12 -5.55 3.36 26.03
N ALA B 13 -4.24 3.08 26.15
CA ALA B 13 -3.37 3.15 24.99
C ALA B 13 -3.78 2.15 23.92
N ARG B 14 -4.19 0.95 24.33
CA ARG B 14 -4.64 -0.04 23.36
C ARG B 14 -5.96 0.35 22.72
N LEU B 15 -6.80 1.10 23.43
CA LEU B 15 -8.08 1.55 22.89
C LEU B 15 -7.93 2.79 22.02
N ALA B 16 -6.94 3.64 22.32
CA ALA B 16 -6.64 4.76 21.43
C ALA B 16 -6.14 4.26 20.07
N GLU B 17 -5.35 3.18 20.05
CA GLU B 17 -4.90 2.62 18.79
C GLU B 17 -6.05 2.07 17.97
N GLN B 18 -7.07 1.52 18.64
CA GLN B 18 -8.23 1.01 17.90
C GLN B 18 -9.07 2.15 17.35
N ALA B 19 -9.15 3.25 18.10
CA ALA B 19 -9.86 4.46 17.70
C ALA B 19 -9.02 5.38 16.84
N GLU B 20 -7.79 4.98 16.50
CA GLU B 20 -6.86 5.75 15.67
C GLU B 20 -6.53 7.12 16.26
N ARG B 21 -6.78 7.31 17.56
CA ARG B 21 -6.37 8.52 18.25
C ARG B 21 -4.92 8.35 18.71
N TYR B 22 -4.02 8.37 17.73
CA TYR B 22 -2.62 8.11 17.99
C TYR B 22 -1.95 9.19 18.82
N ASP B 23 -2.49 10.41 18.83
CA ASP B 23 -1.98 11.43 19.74
C ASP B 23 -2.31 11.10 21.19
N ASP B 24 -3.52 10.59 21.44
CA ASP B 24 -3.87 10.15 22.80
C ASP B 24 -3.10 8.89 23.18
N MET B 25 -2.78 8.04 22.20
CA MET B 25 -2.03 6.83 22.50
C MET B 25 -0.64 7.15 23.02
N ALA B 26 0.02 8.16 22.43
CA ALA B 26 1.36 8.53 22.89
C ALA B 26 1.32 9.17 24.27
N ALA B 27 0.29 9.99 24.54
CA ALA B 27 0.20 10.63 25.84
C ALA B 27 0.06 9.61 26.95
N ALA B 28 -0.63 8.51 26.68
CA ALA B 28 -0.82 7.47 27.70
C ALA B 28 0.49 6.73 27.96
N MET B 29 1.15 6.26 26.91
CA MET B 29 2.41 5.54 27.08
C MET B 29 3.49 6.44 27.67
N LYS B 30 3.40 7.76 27.42
CA LYS B 30 4.29 8.70 28.10
C LYS B 30 4.09 8.67 29.61
N ASN B 31 2.84 8.66 30.05
CA ASN B 31 2.56 8.55 31.49
C ASN B 31 2.97 7.19 32.02
N VAL B 32 2.96 6.16 31.18
CA VAL B 32 3.45 4.86 31.61
C VAL B 32 4.95 4.90 31.86
N THR B 33 5.69 5.57 30.96
CA THR B 33 7.13 5.68 31.14
C THR B 33 7.48 6.60 32.29
N GLU B 34 6.71 7.68 32.47
CA GLU B 34 6.94 8.65 33.54
C GLU B 34 6.72 8.08 34.93
N LEU B 35 6.30 6.83 35.07
CA LEU B 35 6.26 6.15 36.36
C LEU B 35 7.61 5.57 36.76
N ASN B 36 8.61 5.66 35.88
CA ASN B 36 10.00 5.32 36.19
C ASN B 36 10.16 3.85 36.59
N GLU B 37 9.48 2.97 35.86
CA GLU B 37 9.69 1.54 35.93
C GLU B 37 9.86 1.00 34.52
N PRO B 38 10.61 -0.09 34.34
CA PRO B 38 10.78 -0.64 32.99
C PRO B 38 9.45 -1.05 32.38
N LEU B 39 9.42 -1.08 31.05
CA LEU B 39 8.22 -1.45 30.30
C LEU B 39 8.37 -2.87 29.79
N SER B 40 7.27 -3.63 29.84
CA SER B 40 7.27 -4.98 29.31
C SER B 40 7.44 -4.93 27.79
N ASN B 41 7.53 -6.11 27.17
CA ASN B 41 7.67 -6.16 25.73
C ASN B 41 6.45 -5.55 25.04
N GLU B 42 5.25 -5.87 25.52
CA GLU B 42 4.05 -5.33 24.89
C GLU B 42 3.91 -3.83 25.16
N GLU B 43 4.34 -3.36 26.34
CA GLU B 43 4.27 -1.93 26.62
C GLU B 43 5.29 -1.15 25.78
N ARG B 44 6.40 -1.79 25.39
CA ARG B 44 7.40 -1.11 24.59
C ARG B 44 6.89 -0.83 23.18
N ASN B 45 6.24 -1.83 22.56
CA ASN B 45 5.73 -1.63 21.21
C ASN B 45 4.50 -0.74 21.19
N LEU B 46 3.72 -0.73 22.28
CA LEU B 46 2.66 0.26 22.39
C LEU B 46 3.23 1.68 22.32
N LEU B 47 4.42 1.89 22.89
CA LEU B 47 5.04 3.21 22.87
C LEU B 47 5.55 3.55 21.47
N SER B 48 6.27 2.62 20.84
CA SER B 48 6.82 2.90 19.51
C SER B 48 5.72 3.08 18.48
N VAL B 49 4.73 2.18 18.48
CA VAL B 49 3.63 2.29 17.52
C VAL B 49 2.88 3.60 17.71
N ALA B 50 2.69 4.02 18.96
CA ALA B 50 2.06 5.31 19.22
C ALA B 50 2.86 6.44 18.62
N TYR B 51 4.15 6.54 18.97
CA TYR B 51 4.95 7.66 18.50
C TYR B 51 5.33 7.53 17.03
N LYS B 52 5.39 6.31 16.51
CA LYS B 52 5.67 6.16 15.07
C LYS B 52 4.52 6.72 14.24
N ASN B 53 3.28 6.45 14.65
CA ASN B 53 2.14 6.98 13.91
C ASN B 53 2.06 8.50 14.02
N VAL B 54 2.54 9.07 15.13
CA VAL B 54 2.45 10.52 15.31
C VAL B 54 3.47 11.24 14.44
N VAL B 55 4.72 10.77 14.40
CA VAL B 55 5.70 11.38 13.50
C VAL B 55 5.31 11.13 12.05
N GLY B 56 4.90 9.90 11.73
CA GLY B 56 4.58 9.57 10.36
C GLY B 56 3.47 10.42 9.79
N ALA B 57 2.51 10.79 10.62
CA ALA B 57 1.49 11.75 10.18
C ALA B 57 2.14 13.06 9.76
N ARG B 58 2.98 13.63 10.64
CA ARG B 58 3.64 14.89 10.32
C ARG B 58 4.70 14.71 9.24
N ARG B 59 5.40 13.58 9.25
CA ARG B 59 6.40 13.33 8.22
C ARG B 59 5.76 13.24 6.85
N SER B 60 4.54 12.68 6.78
CA SER B 60 3.86 12.57 5.50
C SER B 60 3.34 13.93 5.03
N SER B 61 2.78 14.72 5.96
CA SER B 61 2.35 16.07 5.60
C SER B 61 3.54 16.92 5.20
N TRP B 62 4.66 16.77 5.90
CA TRP B 62 5.85 17.55 5.57
C TRP B 62 6.34 17.23 4.16
N ARG B 63 6.41 15.94 3.82
CA ARG B 63 6.88 15.55 2.49
C ARG B 63 6.00 16.14 1.39
N VAL B 64 4.69 16.20 1.64
CA VAL B 64 3.77 16.78 0.65
C VAL B 64 4.01 18.28 0.52
N ILE B 65 3.96 18.99 1.64
CA ILE B 65 4.17 20.43 1.62
C ILE B 65 5.55 20.77 1.07
N SER B 66 6.57 19.96 1.40
CA SER B 66 7.90 20.21 0.87
C SER B 66 7.92 20.10 -0.65
N SER B 67 7.13 19.19 -1.21
CA SER B 67 7.06 19.08 -2.67
C SER B 67 6.42 20.30 -3.29
N ILE B 68 5.41 20.88 -2.62
CA ILE B 68 4.75 22.07 -3.14
C ILE B 68 5.70 23.26 -3.13
N GLU B 69 6.62 23.31 -2.16
CA GLU B 69 7.56 24.43 -2.10
C GLU B 69 8.50 24.42 -3.29
N GLN B 70 9.01 23.25 -3.66
CA GLN B 70 9.93 23.18 -4.78
C GLN B 70 9.26 23.58 -6.08
N LYS B 71 8.03 23.12 -6.30
CA LYS B 71 7.30 23.51 -7.51
C LYS B 71 7.02 25.01 -7.52
N THR B 72 6.71 25.57 -6.35
CA THR B 72 6.55 27.02 -6.25
C THR B 72 7.88 27.75 -6.44
N SER B 73 8.96 27.20 -5.90
CA SER B 73 10.28 27.80 -6.06
C SER B 73 10.74 27.75 -7.50
N ALA B 74 10.33 26.75 -8.26
CA ALA B 74 10.70 26.70 -9.66
C ALA B 74 9.97 27.75 -10.48
N ASP B 75 8.79 28.16 -10.03
CA ASP B 75 7.98 29.13 -10.76
C ASP B 75 8.23 30.57 -10.29
N GLY B 76 8.90 30.77 -9.16
CA GLY B 76 9.22 32.10 -8.70
C GLY B 76 8.09 32.87 -8.07
N ASN B 77 6.98 32.23 -7.74
CA ASN B 77 5.86 32.89 -7.05
C ASN B 77 6.28 33.18 -5.63
N GLU B 78 6.66 34.42 -5.35
CA GLU B 78 7.31 34.74 -4.09
C GLU B 78 6.35 35.24 -3.01
N LYS B 79 5.05 35.35 -3.29
CA LYS B 79 4.08 35.61 -2.23
C LYS B 79 3.19 34.42 -1.93
N LYS B 80 3.03 33.49 -2.86
CA LYS B 80 2.45 32.20 -2.49
C LYS B 80 3.44 31.38 -1.69
N ILE B 81 4.73 31.42 -2.05
CA ILE B 81 5.73 30.63 -1.34
C ILE B 81 5.93 31.10 0.08
N GLU B 82 5.54 32.33 0.40
CA GLU B 82 5.62 32.78 1.78
C GLU B 82 4.72 31.96 2.68
N MET B 83 3.49 31.69 2.21
CA MET B 83 2.58 30.85 2.98
C MET B 83 2.95 29.38 2.91
N VAL B 84 3.52 28.94 1.79
CA VAL B 84 3.92 27.55 1.66
C VAL B 84 5.05 27.24 2.62
N ARG B 85 6.04 28.13 2.70
CA ARG B 85 7.16 27.90 3.61
C ARG B 85 6.73 28.07 5.06
N ALA B 86 5.88 29.06 5.34
CA ALA B 86 5.40 29.25 6.69
C ALA B 86 4.68 28.02 7.20
N TYR B 87 3.80 27.44 6.37
CA TYR B 87 3.07 26.24 6.79
C TYR B 87 4.03 25.06 6.96
N ARG B 88 5.00 24.93 6.06
CA ARG B 88 6.01 23.89 6.23
C ARG B 88 6.75 24.07 7.54
N GLU B 89 7.13 25.31 7.87
CA GLU B 89 7.83 25.54 9.13
C GLU B 89 6.96 25.15 10.32
N LYS B 90 5.63 25.34 10.23
CA LYS B 90 4.76 24.97 11.33
C LYS B 90 4.75 23.45 11.54
N ILE B 91 4.63 22.70 10.45
CA ILE B 91 4.67 21.25 10.55
C ILE B 91 6.06 20.78 10.97
N GLU B 92 7.09 21.50 10.54
CA GLU B 92 8.47 21.15 10.90
C GLU B 92 8.67 21.19 12.41
N LYS B 93 8.32 22.31 13.04
CA LYS B 93 8.60 22.44 14.46
C LYS B 93 7.71 21.53 15.30
N GLU B 94 6.48 21.25 14.84
CA GLU B 94 5.65 20.30 15.58
C GLU B 94 6.07 18.85 15.36
N LEU B 95 6.74 18.56 14.25
CA LEU B 95 7.45 17.29 14.10
C LEU B 95 8.63 17.22 15.05
N GLU B 96 9.37 18.32 15.18
CA GLU B 96 10.52 18.35 16.08
C GLU B 96 10.06 18.31 17.54
N ALA B 97 8.92 18.91 17.85
CA ALA B 97 8.37 18.81 19.20
C ALA B 97 8.02 17.38 19.57
N VAL B 98 7.52 16.59 18.61
CA VAL B 98 7.21 15.20 18.88
C VAL B 98 8.50 14.38 18.96
N CYS B 99 9.46 14.67 18.08
CA CYS B 99 10.69 13.88 18.06
C CYS B 99 11.49 14.03 19.35
N GLN B 100 11.63 15.25 19.86
CA GLN B 100 12.34 15.42 21.12
C GLN B 100 11.53 14.88 22.30
N ASP B 101 10.20 14.82 22.17
CA ASP B 101 9.37 14.15 23.16
C ASP B 101 9.82 12.70 23.37
N VAL B 102 10.07 11.97 22.28
CA VAL B 102 10.53 10.58 22.39
C VAL B 102 11.96 10.54 22.90
N LEU B 103 12.83 11.37 22.32
CA LEU B 103 14.24 11.33 22.69
C LEU B 103 14.44 11.67 24.16
N SER B 104 13.59 12.51 24.72
CA SER B 104 13.69 12.79 26.15
C SER B 104 13.34 11.55 26.97
N LEU B 105 12.23 10.90 26.65
CA LEU B 105 11.84 9.70 27.39
C LEU B 105 12.88 8.60 27.27
N LEU B 106 13.52 8.49 26.10
CA LEU B 106 14.56 7.48 25.92
C LEU B 106 15.80 7.82 26.74
N ASP B 107 16.22 9.08 26.72
CA ASP B 107 17.40 9.47 27.49
C ASP B 107 17.10 9.64 28.97
N ASN B 108 15.84 9.85 29.37
CA ASN B 108 15.54 10.14 30.76
C ASN B 108 15.08 8.92 31.55
N TYR B 109 14.46 7.94 30.91
CA TYR B 109 14.10 6.70 31.57
C TYR B 109 14.54 5.46 30.81
N LEU B 110 14.21 5.35 29.53
CA LEU B 110 14.21 4.04 28.88
C LEU B 110 15.63 3.53 28.63
N ILE B 111 16.54 4.43 28.21
CA ILE B 111 17.93 4.03 28.01
C ILE B 111 18.71 4.08 29.32
N LYS B 112 18.45 5.08 30.17
CA LYS B 112 19.19 5.14 31.43
C LYS B 112 18.83 3.95 32.33
N ASN B 113 17.53 3.69 32.51
CA ASN B 113 17.07 2.65 33.41
C ASN B 113 17.08 1.26 32.77
N CYS B 114 17.85 1.06 31.70
CA CYS B 114 17.85 -0.23 31.02
C CYS B 114 18.94 -1.10 31.62
N SER B 115 18.54 -2.18 32.29
CA SER B 115 19.49 -3.09 32.91
C SER B 115 20.43 -3.67 31.87
N GLU B 116 21.70 -3.86 32.24
CA GLU B 116 22.69 -4.36 31.30
C GLU B 116 22.35 -5.77 30.85
N THR B 117 21.65 -6.54 31.68
CA THR B 117 21.30 -7.90 31.29
C THR B 117 20.38 -7.93 30.08
N GLN B 118 19.63 -6.85 29.84
CA GLN B 118 18.64 -6.79 28.76
C GLN B 118 19.27 -6.11 27.55
N TYR B 119 20.01 -6.90 26.76
CA TYR B 119 20.62 -6.37 25.54
C TYR B 119 19.63 -6.21 24.39
N GLU B 120 18.55 -7.00 24.40
CA GLU B 120 17.51 -6.84 23.39
C GLU B 120 16.78 -5.51 23.56
N SER B 121 16.54 -5.09 24.80
CA SER B 121 15.84 -3.84 25.04
C SER B 121 16.73 -2.63 24.77
N LYS B 122 18.02 -2.74 25.10
CA LYS B 122 18.95 -1.65 24.80
C LYS B 122 19.01 -1.38 23.31
N VAL B 123 19.20 -2.43 22.51
CA VAL B 123 19.22 -2.26 21.06
C VAL B 123 17.90 -1.66 20.59
N PHE B 124 16.79 -2.12 21.17
CA PHE B 124 15.49 -1.58 20.80
C PHE B 124 15.42 -0.08 21.08
N TYR B 125 15.66 0.31 22.33
CA TYR B 125 15.60 1.73 22.68
C TYR B 125 16.62 2.54 21.89
N LEU B 126 17.83 2.00 21.71
CA LEU B 126 18.86 2.72 20.98
C LEU B 126 18.50 2.87 19.50
N LYS B 127 17.77 1.91 18.94
CA LYS B 127 17.33 2.03 17.56
C LYS B 127 16.30 3.15 17.40
N MET B 128 15.37 3.26 18.35
CA MET B 128 14.42 4.38 18.32
C MET B 128 15.14 5.72 18.41
N LYS B 129 16.25 5.77 19.15
CA LYS B 129 17.00 7.02 19.27
C LYS B 129 17.59 7.44 17.92
N GLY B 130 18.31 6.53 17.27
CA GLY B 130 18.78 6.82 15.92
C GLY B 130 17.63 7.01 14.95
N ASP B 131 16.50 6.35 15.20
CA ASP B 131 15.32 6.50 14.35
C ASP B 131 14.82 7.95 14.36
N TYR B 132 14.56 8.48 15.54
CA TYR B 132 13.92 9.79 15.64
C TYR B 132 14.90 10.94 15.44
N TYR B 133 16.20 10.69 15.61
CA TYR B 133 17.19 11.68 15.18
C TYR B 133 17.30 11.71 13.66
N ARG B 134 17.06 10.57 13.01
CA ARG B 134 17.00 10.55 11.55
C ARG B 134 15.77 11.29 11.04
N TYR B 135 14.63 11.13 11.72
CA TYR B 135 13.45 11.90 11.33
C TYR B 135 13.70 13.39 11.50
N LEU B 136 14.58 13.78 12.42
CA LEU B 136 14.93 15.18 12.56
C LEU B 136 15.87 15.63 11.44
N ALA B 137 16.83 14.78 11.07
CA ALA B 137 17.74 15.10 9.97
C ALA B 137 17.03 15.18 8.62
N GLU B 138 15.78 14.73 8.53
CA GLU B 138 15.05 14.79 7.27
C GLU B 138 14.59 16.20 6.97
N VAL B 139 14.33 17.00 7.99
CA VAL B 139 13.77 18.34 7.84
C VAL B 139 14.70 19.43 8.35
N ALA B 140 15.88 19.07 8.86
CA ALA B 140 16.82 20.06 9.35
C ALA B 140 17.76 20.48 8.23
N THR B 141 18.15 21.76 8.24
CA THR B 141 19.09 22.35 7.29
C THR B 141 20.11 23.19 8.04
N GLY B 142 21.30 23.33 7.45
CA GLY B 142 22.32 24.15 8.05
C GLY B 142 23.06 23.44 9.16
N GLU B 143 23.67 24.23 10.05
CA GLU B 143 24.42 23.64 11.16
C GLU B 143 23.51 22.92 12.14
N LYS B 144 22.24 23.32 12.21
CA LYS B 144 21.28 22.59 13.03
C LYS B 144 21.18 21.14 12.61
N ARG B 145 21.33 20.88 11.31
CA ARG B 145 21.27 19.51 10.79
C ARG B 145 22.48 18.70 11.21
N ALA B 146 23.61 19.36 11.45
CA ALA B 146 24.86 18.62 11.69
C ALA B 146 24.79 17.80 12.98
N THR B 147 24.25 18.39 14.05
CA THR B 147 24.24 17.70 15.33
C THR B 147 23.24 16.55 15.34
N VAL B 148 22.10 16.71 14.67
CA VAL B 148 21.09 15.65 14.70
C VAL B 148 21.53 14.45 13.87
N VAL B 149 22.39 14.66 12.87
CA VAL B 149 22.87 13.55 12.06
C VAL B 149 23.84 12.67 12.86
N GLU B 150 24.75 13.29 13.61
CA GLU B 150 25.75 12.54 14.37
C GLU B 150 25.17 12.03 15.68
N SER B 151 24.18 12.73 16.24
CA SER B 151 23.39 12.14 17.31
C SER B 151 22.66 10.90 16.82
N SER B 152 22.35 10.86 15.52
CA SER B 152 21.69 9.69 14.95
C SER B 152 22.67 8.53 14.77
N GLU B 153 23.84 8.81 14.19
CA GLU B 153 24.81 7.73 13.98
C GLU B 153 25.37 7.20 15.30
N LYS B 154 25.54 8.08 16.30
CA LYS B 154 26.03 7.64 17.60
C LYS B 154 25.11 6.58 18.21
N ALA B 155 23.78 6.80 18.10
CA ALA B 155 22.85 5.83 18.65
C ALA B 155 22.82 4.56 17.81
N TYR B 156 22.98 4.69 16.50
CA TYR B 156 22.94 3.51 15.63
C TYR B 156 24.21 2.68 15.78
N SER B 157 25.37 3.34 15.90
CA SER B 157 26.62 2.61 15.98
C SER B 157 26.68 1.77 17.26
N GLU B 158 26.27 2.36 18.39
CA GLU B 158 26.22 1.60 19.63
C GLU B 158 25.21 0.47 19.54
N ALA B 159 24.03 0.75 19.00
CA ALA B 159 23.00 -0.28 18.86
C ALA B 159 23.45 -1.40 17.94
N HIS B 160 24.20 -1.06 16.88
CA HIS B 160 24.64 -2.10 15.95
C HIS B 160 25.70 -2.99 16.59
N GLU B 161 26.63 -2.40 17.35
CA GLU B 161 27.69 -3.20 17.94
C GLU B 161 27.16 -4.14 19.01
N ILE B 162 26.18 -3.69 19.80
CA ILE B 162 25.60 -4.55 20.82
C ILE B 162 24.80 -5.68 20.19
N SER B 163 24.08 -5.38 19.10
CA SER B 163 23.30 -6.42 18.41
C SER B 163 24.21 -7.38 17.65
N LYS B 164 25.40 -6.94 17.28
CA LYS B 164 26.36 -7.81 16.61
C LYS B 164 26.96 -8.84 17.56
N GLU B 165 26.83 -8.64 18.87
CA GLU B 165 27.44 -9.52 19.87
C GLU B 165 26.43 -10.41 20.58
N HIS B 166 25.37 -9.84 21.15
CA HIS B 166 24.47 -10.62 21.99
C HIS B 166 23.17 -11.03 21.31
N MET B 167 22.86 -10.47 20.14
CA MET B 167 21.62 -10.80 19.43
C MET B 167 21.91 -11.76 18.29
N GLN B 168 20.93 -12.64 18.01
CA GLN B 168 21.03 -13.60 16.92
C GLN B 168 20.89 -12.90 15.57
N PRO B 169 21.65 -13.31 14.56
CA PRO B 169 21.56 -12.65 13.24
C PRO B 169 20.16 -12.66 12.62
N THR B 170 19.27 -13.58 13.01
CA THR B 170 17.92 -13.59 12.49
C THR B 170 16.94 -12.86 13.39
N HIS B 171 17.44 -12.11 14.37
CA HIS B 171 16.56 -11.37 15.26
C HIS B 171 15.94 -10.20 14.49
N PRO B 172 14.62 -10.01 14.56
CA PRO B 172 13.99 -8.92 13.81
C PRO B 172 14.45 -7.54 14.27
N ILE B 173 14.75 -7.38 15.55
CA ILE B 173 15.27 -6.10 16.03
C ILE B 173 16.63 -5.83 15.41
N ARG B 174 17.51 -6.83 15.39
CA ARG B 174 18.84 -6.64 14.82
C ARG B 174 18.76 -6.33 13.33
N LEU B 175 18.02 -7.15 12.58
CA LEU B 175 17.83 -6.87 11.16
C LEU B 175 17.07 -5.56 10.95
N GLY B 176 16.05 -5.31 11.76
CA GLY B 176 15.34 -4.04 11.66
C GLY B 176 16.24 -2.85 11.91
N LEU B 177 17.23 -3.01 12.80
CA LEU B 177 18.20 -1.94 13.05
C LEU B 177 19.16 -1.78 11.88
N ALA B 178 19.59 -2.90 11.27
CA ALA B 178 20.45 -2.80 10.09
C ALA B 178 19.69 -2.18 8.92
N LEU B 179 18.40 -2.49 8.79
CA LEU B 179 17.59 -1.85 7.78
C LEU B 179 17.53 -0.34 8.01
N ASN B 180 17.19 0.07 9.23
CA ASN B 180 17.12 1.49 9.53
C ASN B 180 18.49 2.15 9.44
N TYR B 181 19.55 1.40 9.72
CA TYR B 181 20.90 1.95 9.66
C TYR B 181 21.36 2.12 8.21
N SER B 182 21.14 1.12 7.38
CA SER B 182 21.47 1.26 5.96
C SER B 182 20.60 2.31 5.30
N VAL B 183 19.34 2.46 5.73
CA VAL B 183 18.49 3.51 5.18
C VAL B 183 19.04 4.88 5.58
N PHE B 184 19.49 5.02 6.82
CA PHE B 184 20.15 6.24 7.24
C PHE B 184 21.39 6.51 6.40
N TYR B 185 22.07 5.46 5.94
CA TYR B 185 23.27 5.63 5.14
C TYR B 185 22.95 6.21 3.77
N TYR B 186 21.91 5.72 3.12
CA TYR B 186 21.57 6.20 1.79
C TYR B 186 20.84 7.54 1.84
N GLU B 187 19.71 7.58 2.56
CA GLU B 187 18.84 8.75 2.49
C GLU B 187 19.47 9.97 3.15
N ILE B 188 20.22 9.78 4.23
CA ILE B 188 20.77 10.88 5.01
C ILE B 188 22.24 11.10 4.74
N GLN B 189 23.05 10.06 4.88
CA GLN B 189 24.50 10.18 4.71
C GLN B 189 24.93 10.30 3.25
N ASN B 190 23.98 10.28 2.31
CA ASN B 190 24.28 10.40 0.88
C ASN B 190 25.24 9.30 0.43
N ALA B 191 25.23 8.17 1.12
CA ALA B 191 26.22 7.11 0.92
C ALA B 191 25.55 5.80 0.61
N PRO B 192 25.33 5.46 -0.65
CA PRO B 192 24.96 4.09 -1.01
C PRO B 192 26.07 3.10 -0.73
N GLU B 193 27.29 3.61 -0.50
CA GLU B 193 28.44 2.76 -0.21
C GLU B 193 28.16 1.86 0.98
N GLN B 194 28.00 2.46 2.17
CA GLN B 194 27.68 1.68 3.35
C GLN B 194 26.22 1.28 3.41
N ALA B 195 25.33 1.95 2.66
CA ALA B 195 23.93 1.54 2.63
C ALA B 195 23.79 0.16 2.02
N CYS B 196 24.40 -0.04 0.85
CA CYS B 196 24.26 -1.33 0.18
C CYS B 196 24.97 -2.44 0.94
N HIS B 197 26.19 -2.18 1.42
CA HIS B 197 26.94 -3.19 2.15
C HIS B 197 26.20 -3.61 3.41
N LEU B 198 25.78 -2.64 4.22
CA LEU B 198 25.12 -2.95 5.48
C LEU B 198 23.83 -3.72 5.23
N ALA B 199 23.06 -3.33 4.22
CA ALA B 199 21.84 -4.05 3.91
C ALA B 199 22.14 -5.46 3.44
N LYS B 200 23.17 -5.63 2.61
CA LYS B 200 23.43 -6.93 2.01
C LYS B 200 23.93 -7.94 3.04
N THR B 201 24.76 -7.49 3.99
CA THR B 201 25.26 -8.40 5.01
C THR B 201 24.19 -8.76 6.05
N ALA B 202 23.31 -7.81 6.39
CA ALA B 202 22.17 -8.15 7.24
C ALA B 202 21.34 -9.26 6.63
N PHE B 203 21.15 -9.20 5.31
CA PHE B 203 20.45 -10.27 4.60
C PHE B 203 21.26 -11.56 4.63
N ASP B 204 22.54 -11.48 4.25
CA ASP B 204 23.36 -12.68 4.14
C ASP B 204 23.56 -13.35 5.49
N ASP B 205 23.87 -12.56 6.53
CA ASP B 205 24.06 -13.12 7.86
C ASP B 205 22.81 -13.80 8.41
N ALA B 206 21.65 -13.57 7.80
CA ALA B 206 20.41 -14.21 8.24
C ALA B 206 19.78 -15.12 7.20
N ILE B 207 20.23 -15.08 5.95
CA ILE B 207 19.60 -15.87 4.89
C ILE B 207 19.88 -17.36 5.06
N ALA B 208 20.95 -17.73 5.74
CA ALA B 208 21.27 -19.14 5.94
C ALA B 208 20.52 -19.74 7.13
N GLU B 209 20.42 -19.01 8.23
CA GLU B 209 19.76 -19.55 9.42
C GLU B 209 18.25 -19.64 9.20
N LEU B 210 17.74 -20.87 9.22
CA LEU B 210 16.31 -21.13 9.00
C LEU B 210 15.44 -20.49 10.07
N TYR B 218 10.05 -15.01 13.51
CA TYR B 218 9.03 -15.71 12.73
C TYR B 218 8.65 -14.93 11.47
N LYS B 219 7.35 -14.63 11.33
CA LYS B 219 6.86 -13.93 10.14
C LYS B 219 7.36 -12.50 10.11
N ASP B 220 7.62 -11.89 11.27
CA ASP B 220 8.18 -10.55 11.30
C ASP B 220 9.55 -10.52 10.65
N SER B 221 10.40 -11.50 10.98
CA SER B 221 11.76 -11.51 10.45
C SER B 221 11.79 -11.73 8.94
N THR B 222 10.85 -12.51 8.40
CA THR B 222 10.86 -12.76 6.96
C THR B 222 10.47 -11.52 6.17
N LEU B 223 9.63 -10.66 6.75
CA LEU B 223 9.22 -9.43 6.04
C LEU B 223 10.32 -8.38 6.06
N ILE B 224 11.06 -8.26 7.17
CA ILE B 224 12.19 -7.34 7.22
C ILE B 224 13.23 -7.71 6.18
N MET B 225 13.34 -9.01 5.85
CA MET B 225 14.22 -9.41 4.76
C MET B 225 13.67 -8.98 3.41
N GLN B 226 12.35 -9.02 3.24
CA GLN B 226 11.76 -8.54 1.99
C GLN B 226 12.08 -7.07 1.77
N LEU B 227 11.88 -6.24 2.80
CA LEU B 227 12.21 -4.83 2.70
C LEU B 227 13.68 -4.60 2.44
N LEU B 228 14.54 -5.48 2.95
CA LEU B 228 15.98 -5.36 2.71
C LEU B 228 16.30 -5.52 1.23
N ARG B 229 15.83 -6.62 0.62
CA ARG B 229 16.08 -6.83 -0.80
C ARG B 229 15.26 -5.87 -1.65
N ASP B 230 14.08 -5.46 -1.18
CA ASP B 230 13.32 -4.43 -1.87
C ASP B 230 14.01 -3.07 -1.79
N ASN B 231 14.90 -2.86 -0.82
CA ASN B 231 15.72 -1.66 -0.85
C ASN B 231 16.85 -1.81 -1.86
N LEU B 232 17.42 -3.01 -1.96
CA LEU B 232 18.44 -3.28 -2.96
C LEU B 232 17.86 -3.35 -4.37
N THR B 233 16.55 -3.55 -4.52
CA THR B 233 15.98 -3.43 -5.85
C THR B 233 16.08 -1.99 -6.36
N LEU B 234 15.99 -1.01 -5.46
CA LEU B 234 15.99 0.40 -5.84
C LEU B 234 17.38 1.01 -5.79
N TRP B 235 18.17 0.67 -4.78
CA TRP B 235 19.49 1.27 -4.62
C TRP B 235 20.46 0.75 -5.68
N ASP C 5 -1.92 -13.38 -37.52
CA ASP C 5 -2.15 -11.94 -37.50
C ASP C 5 -1.11 -11.23 -36.63
N ARG C 6 -0.18 -10.51 -37.27
CA ARG C 6 0.89 -9.87 -36.53
C ARG C 6 0.36 -8.74 -35.65
N GLU C 7 -0.60 -7.97 -36.16
CA GLU C 7 -1.22 -6.93 -35.35
C GLU C 7 -1.88 -7.53 -34.11
N GLN C 8 -2.37 -8.77 -34.23
CA GLN C 8 -3.02 -9.43 -33.11
C GLN C 8 -2.06 -9.65 -31.95
N LEU C 9 -0.90 -10.25 -32.22
CA LEU C 9 0.02 -10.63 -31.16
C LEU C 9 0.75 -9.45 -30.55
N VAL C 10 0.91 -8.34 -31.28
CA VAL C 10 1.48 -7.15 -30.66
C VAL C 10 0.55 -6.63 -29.57
N GLN C 11 -0.77 -6.67 -29.81
CA GLN C 11 -1.72 -6.33 -28.76
C GLN C 11 -1.65 -7.31 -27.60
N LYS C 12 -1.39 -8.59 -27.89
CA LYS C 12 -1.25 -9.59 -26.83
C LYS C 12 -0.11 -9.22 -25.88
N ALA C 13 1.01 -8.74 -26.43
CA ALA C 13 2.12 -8.35 -25.57
C ALA C 13 1.81 -7.07 -24.80
N ARG C 14 1.01 -6.17 -25.37
CA ARG C 14 0.58 -4.99 -24.63
C ARG C 14 -0.41 -5.36 -23.54
N LEU C 15 -1.22 -6.38 -23.77
CA LEU C 15 -2.12 -6.88 -22.75
C LEU C 15 -1.35 -7.60 -21.66
N ALA C 16 -0.46 -8.51 -22.04
CA ALA C 16 0.32 -9.26 -21.07
C ALA C 16 1.12 -8.34 -20.16
N GLU C 17 1.73 -7.30 -20.74
CA GLU C 17 2.51 -6.37 -19.94
C GLU C 17 1.64 -5.63 -18.93
N GLN C 18 0.41 -5.29 -19.31
CA GLN C 18 -0.49 -4.64 -18.36
C GLN C 18 -0.81 -5.57 -17.20
N ALA C 19 -1.05 -6.84 -17.48
CA ALA C 19 -1.25 -7.87 -16.48
C ALA C 19 0.05 -8.33 -15.86
N GLU C 20 1.15 -7.66 -16.19
CA GLU C 20 2.52 -8.00 -15.79
C GLU C 20 2.77 -9.51 -15.80
N ARG C 21 2.33 -10.15 -16.87
CA ARG C 21 2.65 -11.55 -17.13
C ARG C 21 3.72 -11.57 -18.23
N TYR C 22 4.97 -11.41 -17.79
CA TYR C 22 6.07 -11.19 -18.72
C TYR C 22 6.50 -12.47 -19.44
N ASP C 23 6.30 -13.64 -18.84
CA ASP C 23 6.49 -14.88 -19.56
C ASP C 23 5.56 -14.96 -20.76
N ASP C 24 4.29 -14.58 -20.56
CA ASP C 24 3.37 -14.51 -21.69
C ASP C 24 3.73 -13.40 -22.65
N MET C 25 4.25 -12.28 -22.14
CA MET C 25 4.59 -11.15 -22.99
C MET C 25 5.72 -11.49 -23.94
N ALA C 26 6.81 -12.08 -23.43
CA ALA C 26 7.97 -12.38 -24.27
C ALA C 26 7.64 -13.42 -25.33
N ALA C 27 6.71 -14.34 -25.05
CA ALA C 27 6.31 -15.31 -26.07
C ALA C 27 5.63 -14.63 -27.25
N ALA C 28 4.85 -13.57 -26.99
CA ALA C 28 4.22 -12.84 -28.08
C ALA C 28 5.26 -12.09 -28.91
N MET C 29 6.16 -11.37 -28.23
CA MET C 29 7.22 -10.67 -28.97
C MET C 29 8.17 -11.65 -29.64
N LYS C 30 8.37 -12.82 -29.04
CA LYS C 30 9.10 -13.89 -29.73
C LYS C 30 8.38 -14.26 -31.02
N ASN C 31 7.08 -14.59 -30.91
CA ASN C 31 6.29 -14.94 -32.09
C ASN C 31 6.36 -13.85 -33.15
N VAL C 32 6.25 -12.59 -32.72
CA VAL C 32 6.28 -11.46 -33.64
C VAL C 32 7.63 -11.39 -34.35
N THR C 33 8.72 -11.67 -33.64
CA THR C 33 10.05 -11.56 -34.24
C THR C 33 10.27 -12.63 -35.30
N GLU C 34 9.79 -13.84 -35.07
CA GLU C 34 10.05 -14.95 -35.97
C GLU C 34 9.27 -14.87 -37.28
N LEU C 35 8.40 -13.88 -37.45
CA LEU C 35 7.79 -13.65 -38.76
C LEU C 35 8.73 -12.97 -39.74
N ASN C 36 9.97 -12.68 -39.32
CA ASN C 36 11.04 -12.12 -40.15
C ASN C 36 10.76 -10.70 -40.63
N GLU C 37 9.82 -9.99 -40.00
CA GLU C 37 9.65 -8.59 -40.36
C GLU C 37 10.31 -7.69 -39.32
N PRO C 38 10.82 -6.54 -39.73
CA PRO C 38 11.47 -5.63 -38.78
C PRO C 38 10.52 -5.20 -37.67
N LEU C 39 11.10 -4.69 -36.59
CA LEU C 39 10.35 -4.17 -35.47
C LEU C 39 10.39 -2.65 -35.49
N SER C 40 9.31 -2.05 -35.02
CA SER C 40 9.23 -0.60 -34.90
C SER C 40 9.97 -0.16 -33.63
N ASN C 41 9.88 1.14 -33.32
CA ASN C 41 10.46 1.62 -32.07
C ASN C 41 9.72 1.03 -30.87
N GLU C 42 8.40 1.15 -30.84
CA GLU C 42 7.64 0.62 -29.71
C GLU C 42 7.75 -0.90 -29.62
N GLU C 43 7.90 -1.57 -30.77
CA GLU C 43 8.02 -3.03 -30.74
C GLU C 43 9.36 -3.47 -30.17
N ARG C 44 10.43 -2.76 -30.50
CA ARG C 44 11.72 -3.05 -29.90
C ARG C 44 11.66 -2.91 -28.38
N ASN C 45 10.97 -1.86 -27.90
CA ASN C 45 10.84 -1.68 -26.46
C ASN C 45 10.09 -2.83 -25.81
N LEU C 46 8.98 -3.24 -26.43
CA LEU C 46 8.20 -4.35 -25.87
C LEU C 46 9.07 -5.58 -25.71
N LEU C 47 9.78 -5.97 -26.77
CA LEU C 47 10.66 -7.13 -26.71
C LEU C 47 11.74 -6.96 -25.64
N SER C 48 12.33 -5.76 -25.57
CA SER C 48 13.34 -5.47 -24.56
C SER C 48 12.73 -5.47 -23.16
N VAL C 49 11.53 -4.89 -23.02
CA VAL C 49 10.88 -4.90 -21.71
C VAL C 49 10.50 -6.31 -21.32
N ALA C 50 10.05 -7.11 -22.30
CA ALA C 50 9.57 -8.46 -22.00
C ALA C 50 10.69 -9.37 -21.50
N TYR C 51 11.80 -9.42 -22.23
CA TYR C 51 12.85 -10.37 -21.88
C TYR C 51 13.69 -9.90 -20.69
N LYS C 52 13.84 -8.59 -20.50
CA LYS C 52 14.57 -8.10 -19.33
C LYS C 52 13.80 -8.38 -18.04
N ASN C 53 12.47 -8.40 -18.12
CA ASN C 53 11.69 -8.71 -16.93
C ASN C 53 11.71 -10.19 -16.60
N VAL C 54 11.76 -11.05 -17.61
CA VAL C 54 11.89 -12.47 -17.35
C VAL C 54 13.28 -12.78 -16.80
N VAL C 55 14.33 -12.27 -17.43
CA VAL C 55 15.66 -12.49 -16.89
C VAL C 55 15.79 -11.90 -15.51
N GLY C 56 15.21 -10.73 -15.29
CA GLY C 56 15.27 -10.11 -13.98
C GLY C 56 14.63 -10.95 -12.89
N ALA C 57 13.66 -11.82 -13.24
CA ALA C 57 13.08 -12.70 -12.24
C ALA C 57 14.01 -13.84 -11.89
N ARG C 58 14.64 -14.45 -12.90
CA ARG C 58 15.60 -15.52 -12.62
C ARG C 58 16.81 -14.98 -11.87
N ARG C 59 17.40 -13.88 -12.36
CA ARG C 59 18.62 -13.36 -11.75
C ARG C 59 18.38 -12.74 -10.39
N SER C 60 17.13 -12.44 -10.03
CA SER C 60 16.85 -11.98 -8.68
C SER C 60 16.71 -13.15 -7.72
N SER C 61 15.94 -14.16 -8.11
CA SER C 61 15.83 -15.39 -7.33
C SER C 61 17.15 -16.13 -7.23
N TRP C 62 18.04 -15.95 -8.21
CA TRP C 62 19.35 -16.59 -8.17
C TRP C 62 20.26 -15.93 -7.16
N ARG C 63 20.13 -14.62 -6.93
CA ARG C 63 21.03 -13.92 -6.03
C ARG C 63 20.67 -14.11 -4.57
N VAL C 64 19.45 -14.56 -4.27
CA VAL C 64 19.09 -14.86 -2.89
C VAL C 64 19.39 -16.31 -2.51
N ILE C 65 19.63 -17.18 -3.49
CA ILE C 65 19.93 -18.58 -3.23
C ILE C 65 21.43 -18.85 -3.31
N SER C 66 22.11 -18.25 -4.28
CA SER C 66 23.55 -18.45 -4.42
C SER C 66 24.30 -17.88 -3.22
N SER C 67 23.74 -16.86 -2.57
CA SER C 67 24.37 -16.27 -1.39
C SER C 67 24.21 -17.14 -0.15
N ILE C 68 23.43 -18.22 -0.23
CA ILE C 68 23.20 -19.08 0.94
C ILE C 68 24.35 -20.06 1.11
N GLU C 69 24.58 -20.90 0.11
CA GLU C 69 25.64 -21.88 0.22
C GLU C 69 27.03 -21.24 0.27
N GLN C 70 27.15 -20.00 -0.20
CA GLN C 70 28.41 -19.27 -0.13
C GLN C 70 28.55 -18.64 1.26
N LYS C 79 23.47 -32.47 4.15
CA LYS C 79 22.39 -32.72 3.20
C LYS C 79 21.69 -31.43 2.83
N LYS C 80 21.70 -30.47 3.76
CA LYS C 80 21.01 -29.20 3.54
C LYS C 80 21.76 -28.34 2.53
N ILE C 81 23.07 -28.49 2.43
CA ILE C 81 23.83 -27.69 1.48
C ILE C 81 23.69 -28.19 0.04
N GLU C 82 23.17 -29.40 -0.17
CA GLU C 82 22.96 -29.88 -1.54
C GLU C 82 21.70 -29.28 -2.16
N MET C 83 20.55 -29.43 -1.49
CA MET C 83 19.32 -28.91 -2.07
C MET C 83 19.44 -27.41 -2.36
N VAL C 84 20.19 -26.69 -1.53
CA VAL C 84 20.50 -25.29 -1.83
C VAL C 84 21.28 -25.20 -3.14
N ARG C 85 22.21 -26.13 -3.36
CA ARG C 85 23.01 -26.10 -4.59
C ARG C 85 22.19 -26.53 -5.80
N ALA C 86 21.37 -27.58 -5.65
CA ALA C 86 20.58 -28.05 -6.78
C ALA C 86 19.48 -27.05 -7.15
N TYR C 87 18.90 -26.38 -6.15
CA TYR C 87 17.92 -25.33 -6.45
C TYR C 87 18.59 -24.15 -7.15
N ARG C 88 19.84 -23.85 -6.80
CA ARG C 88 20.57 -22.80 -7.50
C ARG C 88 20.75 -23.14 -8.97
N GLU C 89 21.05 -24.40 -9.27
CA GLU C 89 21.29 -24.79 -10.65
C GLU C 89 20.01 -24.76 -11.48
N LYS C 90 18.88 -25.17 -10.89
CA LYS C 90 17.64 -25.19 -11.66
C LYS C 90 17.21 -23.78 -12.04
N ILE C 91 17.36 -22.83 -11.11
CA ILE C 91 17.14 -21.43 -11.47
C ILE C 91 18.20 -20.97 -12.45
N GLU C 92 19.41 -21.51 -12.35
CA GLU C 92 20.47 -21.19 -13.30
C GLU C 92 20.14 -21.72 -14.69
N LYS C 93 19.58 -22.94 -14.78
CA LYS C 93 19.21 -23.49 -16.07
C LYS C 93 18.10 -22.66 -16.73
N GLU C 94 17.13 -22.21 -15.94
CA GLU C 94 16.05 -21.39 -16.48
C GLU C 94 16.58 -20.02 -16.93
N LEU C 95 17.58 -19.48 -16.22
CA LEU C 95 18.17 -18.21 -16.61
C LEU C 95 18.88 -18.30 -17.96
N GLU C 96 19.62 -19.39 -18.18
CA GLU C 96 20.33 -19.56 -19.44
C GLU C 96 19.37 -19.87 -20.58
N ALA C 97 18.26 -20.54 -20.29
CA ALA C 97 17.27 -20.82 -21.33
C ALA C 97 16.66 -19.52 -21.86
N VAL C 98 16.46 -18.51 -21.00
CA VAL C 98 15.87 -17.28 -21.49
C VAL C 98 16.88 -16.49 -22.31
N CYS C 99 18.12 -16.39 -21.82
CA CYS C 99 19.16 -15.68 -22.55
C CYS C 99 19.36 -16.25 -23.95
N GLN C 100 19.58 -17.57 -24.04
CA GLN C 100 19.84 -18.18 -25.33
C GLN C 100 18.64 -18.03 -26.27
N ASP C 101 17.44 -17.88 -25.71
CA ASP C 101 16.25 -17.68 -26.55
C ASP C 101 16.27 -16.29 -27.18
N VAL C 102 16.50 -15.25 -26.38
CA VAL C 102 16.57 -13.90 -26.95
C VAL C 102 17.81 -13.73 -27.78
N LEU C 103 18.90 -14.42 -27.43
CA LEU C 103 20.10 -14.35 -28.27
C LEU C 103 19.85 -15.00 -29.63
N SER C 104 18.99 -16.02 -29.68
CA SER C 104 18.63 -16.61 -30.96
C SER C 104 17.84 -15.63 -31.81
N LEU C 105 16.92 -14.88 -31.19
CA LEU C 105 16.17 -13.88 -31.94
C LEU C 105 17.08 -12.79 -32.47
N LEU C 106 18.13 -12.44 -31.72
CA LEU C 106 19.04 -11.40 -32.17
C LEU C 106 19.91 -11.89 -33.33
N ASP C 107 20.46 -13.08 -33.20
CA ASP C 107 21.36 -13.58 -34.23
C ASP C 107 20.59 -13.99 -35.49
N ASN C 108 19.45 -14.65 -35.32
CA ASN C 108 18.78 -15.29 -36.46
C ASN C 108 17.74 -14.39 -37.12
N TYR C 109 17.18 -13.41 -36.42
CA TYR C 109 16.18 -12.54 -37.03
C TYR C 109 16.57 -11.06 -36.99
N LEU C 110 16.94 -10.55 -35.81
CA LEU C 110 16.92 -9.11 -35.59
C LEU C 110 18.19 -8.41 -36.09
N ILE C 111 19.35 -8.81 -35.58
CA ILE C 111 20.59 -8.24 -36.08
C ILE C 111 20.83 -8.64 -37.53
N LYS C 112 20.37 -9.84 -37.92
CA LYS C 112 20.66 -10.34 -39.26
C LYS C 112 19.96 -9.51 -40.33
N ASN C 113 18.69 -9.16 -40.11
CA ASN C 113 17.92 -8.42 -41.11
C ASN C 113 18.15 -6.92 -41.06
N CYS C 114 19.16 -6.46 -40.32
CA CYS C 114 19.38 -5.03 -40.17
C CYS C 114 20.13 -4.45 -41.36
N SER C 115 19.67 -3.28 -41.81
CA SER C 115 20.31 -2.57 -42.90
C SER C 115 21.68 -2.08 -42.48
N GLU C 116 22.48 -1.66 -43.47
CA GLU C 116 23.80 -1.15 -43.15
C GLU C 116 23.71 0.14 -42.35
N THR C 117 22.85 1.07 -42.77
CA THR C 117 22.75 2.38 -42.16
C THR C 117 21.66 2.46 -41.11
N GLN C 118 21.18 1.31 -40.60
CA GLN C 118 20.20 1.29 -39.51
C GLN C 118 20.95 1.16 -38.19
N TYR C 119 21.60 2.27 -37.81
CA TYR C 119 22.51 2.25 -36.66
C TYR C 119 21.76 2.07 -35.34
N GLU C 120 20.63 2.77 -35.19
CA GLU C 120 19.87 2.70 -33.94
C GLU C 120 19.43 1.27 -33.66
N SER C 121 18.79 0.63 -34.64
CA SER C 121 18.43 -0.78 -34.47
C SER C 121 19.66 -1.64 -34.28
N LYS C 122 20.77 -1.32 -34.96
CA LYS C 122 21.97 -2.13 -34.84
C LYS C 122 22.58 -2.01 -33.45
N VAL C 123 22.77 -0.79 -32.96
CA VAL C 123 23.34 -0.61 -31.62
C VAL C 123 22.38 -1.15 -30.57
N PHE C 124 21.08 -0.97 -30.77
CA PHE C 124 20.10 -1.44 -29.80
C PHE C 124 20.19 -2.96 -29.63
N TYR C 125 20.14 -3.70 -30.74
CA TYR C 125 20.20 -5.16 -30.64
C TYR C 125 21.56 -5.61 -30.12
N LEU C 126 22.64 -4.99 -30.58
CA LEU C 126 23.97 -5.38 -30.12
C LEU C 126 24.15 -5.07 -28.64
N LYS C 127 23.57 -3.98 -28.16
CA LYS C 127 23.57 -3.71 -26.73
C LYS C 127 22.80 -4.79 -25.99
N MET C 128 21.64 -5.19 -26.51
CA MET C 128 20.90 -6.30 -25.92
C MET C 128 21.73 -7.58 -25.95
N LYS C 129 22.40 -7.84 -27.07
CA LYS C 129 23.23 -9.04 -27.19
C LYS C 129 24.26 -9.08 -26.08
N GLY C 130 24.99 -7.97 -25.88
CA GLY C 130 26.00 -7.95 -24.84
C GLY C 130 25.42 -8.03 -23.45
N ASP C 131 24.18 -7.57 -23.26
CA ASP C 131 23.56 -7.62 -21.94
C ASP C 131 23.33 -9.05 -21.50
N TYR C 132 22.64 -9.83 -22.35
CA TYR C 132 22.25 -11.18 -21.96
C TYR C 132 23.44 -12.13 -21.93
N TYR C 133 24.52 -11.82 -22.65
CA TYR C 133 25.76 -12.55 -22.44
C TYR C 133 26.40 -12.16 -21.12
N ARG C 134 26.16 -10.92 -20.67
CA ARG C 134 26.65 -10.51 -19.36
C ARG C 134 25.84 -11.15 -18.24
N TYR C 135 24.52 -11.25 -18.42
CA TYR C 135 23.70 -11.99 -17.45
C TYR C 135 24.13 -13.44 -17.37
N LEU C 136 24.56 -14.01 -18.50
CA LEU C 136 25.08 -15.38 -18.50
C LEU C 136 26.35 -15.48 -17.67
N ALA C 137 27.25 -14.52 -17.82
CA ALA C 137 28.52 -14.57 -17.10
C ALA C 137 28.33 -14.40 -15.60
N GLU C 138 27.27 -13.71 -15.18
CA GLU C 138 27.05 -13.53 -13.75
C GLU C 138 26.76 -14.85 -13.04
N VAL C 139 26.35 -15.88 -13.79
CA VAL C 139 26.07 -17.19 -13.22
C VAL C 139 27.06 -18.22 -13.73
N ALA C 140 28.08 -17.80 -14.45
CA ALA C 140 28.96 -18.69 -15.19
C ALA C 140 30.22 -19.03 -14.41
N THR C 141 30.66 -20.28 -14.54
CA THR C 141 31.93 -20.73 -13.98
C THR C 141 32.65 -21.59 -15.01
N GLY C 142 33.98 -21.60 -14.91
CA GLY C 142 34.77 -22.50 -15.70
C GLY C 142 34.88 -22.15 -17.17
N GLU C 143 34.79 -23.16 -18.02
CA GLU C 143 35.00 -22.97 -19.45
C GLU C 143 33.88 -22.14 -20.09
N LYS C 144 32.65 -22.30 -19.63
CA LYS C 144 31.54 -21.60 -20.25
C LYS C 144 31.58 -20.09 -19.96
N ARG C 145 32.20 -19.68 -18.85
CA ARG C 145 32.32 -18.27 -18.54
C ARG C 145 33.18 -17.55 -19.57
N ALA C 146 34.42 -18.04 -19.78
CA ALA C 146 35.33 -17.40 -20.72
C ALA C 146 34.72 -17.22 -22.10
N THR C 147 33.77 -18.09 -22.47
CA THR C 147 33.13 -17.99 -23.78
C THR C 147 32.12 -16.84 -23.81
N VAL C 148 31.24 -16.75 -22.81
CA VAL C 148 30.20 -15.74 -22.84
C VAL C 148 30.73 -14.34 -22.53
N VAL C 149 31.86 -14.22 -21.83
CA VAL C 149 32.43 -12.90 -21.61
C VAL C 149 32.95 -12.32 -22.91
N GLU C 150 33.61 -13.15 -23.73
CA GLU C 150 34.18 -12.65 -24.97
C GLU C 150 33.11 -12.21 -25.95
N SER C 151 32.03 -13.00 -26.06
CA SER C 151 30.93 -12.64 -26.95
C SER C 151 30.26 -11.35 -26.48
N SER C 152 30.07 -11.21 -25.17
CA SER C 152 29.58 -9.95 -24.63
C SER C 152 30.51 -8.80 -25.01
N GLU C 153 31.82 -9.00 -24.85
CA GLU C 153 32.77 -7.97 -25.26
C GLU C 153 32.68 -7.71 -26.76
N LYS C 154 32.51 -8.77 -27.56
CA LYS C 154 32.43 -8.61 -29.01
C LYS C 154 31.19 -7.83 -29.41
N ALA C 155 30.07 -8.05 -28.71
CA ALA C 155 28.83 -7.36 -29.03
C ALA C 155 28.84 -5.93 -28.51
N TYR C 156 29.30 -5.73 -27.27
CA TYR C 156 29.37 -4.39 -26.72
C TYR C 156 30.31 -3.49 -27.54
N SER C 157 31.43 -4.05 -28.00
CA SER C 157 32.42 -3.25 -28.72
C SER C 157 31.89 -2.77 -30.07
N GLU C 158 31.19 -3.65 -30.80
CA GLU C 158 30.69 -3.27 -32.12
C GLU C 158 29.64 -2.17 -32.02
N ALA C 159 28.73 -2.27 -31.04
CA ALA C 159 27.76 -1.23 -30.82
C ALA C 159 28.43 0.06 -30.36
N HIS C 160 29.50 -0.05 -29.59
CA HIS C 160 30.24 1.14 -29.16
C HIS C 160 30.85 1.86 -30.35
N GLU C 161 31.45 1.12 -31.29
CA GLU C 161 32.04 1.75 -32.46
C GLU C 161 30.99 2.43 -33.32
N ILE C 162 29.81 1.83 -33.46
CA ILE C 162 28.77 2.43 -34.27
C ILE C 162 28.17 3.65 -33.57
N SER C 163 27.89 3.53 -32.27
CA SER C 163 27.30 4.64 -31.52
C SER C 163 28.24 5.83 -31.46
N LYS C 164 29.52 5.59 -31.18
CA LYS C 164 30.46 6.70 -31.06
C LYS C 164 30.71 7.37 -32.40
N GLU C 165 30.36 6.72 -33.51
CA GLU C 165 30.63 7.24 -34.84
C GLU C 165 29.44 7.94 -35.48
N HIS C 166 28.22 7.49 -35.22
CA HIS C 166 27.05 7.96 -35.95
C HIS C 166 25.92 8.47 -35.08
N MET C 167 26.04 8.39 -33.75
CA MET C 167 24.95 8.76 -32.87
C MET C 167 25.40 9.84 -31.90
N GLN C 168 24.48 10.74 -31.59
CA GLN C 168 24.77 11.82 -30.66
C GLN C 168 25.10 11.25 -29.27
N PRO C 169 26.11 11.82 -28.60
CA PRO C 169 26.40 11.34 -27.22
C PRO C 169 25.24 11.49 -26.26
N THR C 170 24.20 12.24 -26.62
CA THR C 170 23.01 12.38 -25.78
C THR C 170 21.93 11.36 -26.11
N HIS C 171 22.13 10.54 -27.14
CA HIS C 171 21.13 9.55 -27.50
C HIS C 171 20.99 8.53 -26.36
N PRO C 172 19.77 8.28 -25.87
CA PRO C 172 19.61 7.33 -24.76
C PRO C 172 20.07 5.92 -25.08
N ILE C 173 20.19 5.55 -26.35
CA ILE C 173 20.78 4.26 -26.67
C ILE C 173 22.29 4.32 -26.54
N ARG C 174 22.93 5.39 -27.06
CA ARG C 174 24.38 5.54 -26.92
C ARG C 174 24.79 5.77 -25.47
N LEU C 175 23.93 6.41 -24.68
CA LEU C 175 24.19 6.54 -23.25
C LEU C 175 23.98 5.20 -22.55
N GLY C 176 22.84 4.56 -22.79
CA GLY C 176 22.57 3.28 -22.17
C GLY C 176 23.58 2.22 -22.56
N LEU C 177 24.17 2.34 -23.75
CA LEU C 177 25.24 1.44 -24.16
C LEU C 177 26.52 1.69 -23.36
N ALA C 178 26.81 2.96 -23.05
CA ALA C 178 28.01 3.28 -22.30
C ALA C 178 27.91 2.80 -20.86
N LEU C 179 26.70 2.81 -20.29
CA LEU C 179 26.56 2.42 -18.90
C LEU C 179 26.59 0.91 -18.73
N ASN C 180 25.99 0.17 -19.67
CA ASN C 180 26.04 -1.28 -19.55
C ASN C 180 27.43 -1.82 -19.87
N TYR C 181 28.12 -1.18 -20.80
CA TYR C 181 29.48 -1.60 -21.16
C TYR C 181 30.45 -1.32 -20.02
N SER C 182 30.31 -0.17 -19.35
CA SER C 182 31.16 0.12 -18.21
C SER C 182 30.87 -0.81 -17.04
N VAL C 183 29.61 -1.24 -16.88
CA VAL C 183 29.28 -2.22 -15.85
C VAL C 183 29.92 -3.56 -16.18
N PHE C 184 29.95 -3.91 -17.47
CA PHE C 184 30.58 -5.15 -17.88
C PHE C 184 32.07 -5.16 -17.54
N TYR C 185 32.75 -4.04 -17.78
CA TYR C 185 34.18 -3.98 -17.47
C TYR C 185 34.43 -4.08 -15.98
N TYR C 186 33.56 -3.46 -15.17
CA TYR C 186 33.75 -3.43 -13.73
C TYR C 186 33.44 -4.78 -13.08
N GLU C 187 32.28 -5.36 -13.44
CA GLU C 187 31.78 -6.55 -12.76
C GLU C 187 32.31 -7.85 -13.36
N ILE C 188 32.46 -7.92 -14.67
CA ILE C 188 32.79 -9.19 -15.30
C ILE C 188 34.26 -9.23 -15.68
N GLN C 189 34.82 -8.08 -16.06
CA GLN C 189 36.23 -8.00 -16.43
C GLN C 189 37.13 -7.54 -15.31
N ASN C 190 36.57 -7.00 -14.23
CA ASN C 190 37.34 -6.48 -13.10
C ASN C 190 38.39 -5.48 -13.57
N ALA C 191 38.02 -4.65 -14.53
CA ALA C 191 38.90 -3.60 -15.02
C ALA C 191 38.35 -2.24 -14.57
N PRO C 192 38.61 -1.84 -13.32
CA PRO C 192 37.94 -0.65 -12.79
C PRO C 192 38.29 0.62 -13.53
N GLU C 193 39.52 0.74 -14.06
CA GLU C 193 39.91 1.96 -14.75
C GLU C 193 39.24 2.08 -16.12
N GLN C 194 39.26 1.00 -16.91
CA GLN C 194 38.61 1.06 -18.20
C GLN C 194 37.10 1.21 -18.05
N ALA C 195 36.53 0.63 -17.00
CA ALA C 195 35.13 0.87 -16.69
C ALA C 195 34.90 2.34 -16.35
N CYS C 196 35.79 2.92 -15.54
CA CYS C 196 35.69 4.34 -15.20
C CYS C 196 35.90 5.21 -16.44
N HIS C 197 36.88 4.85 -17.27
CA HIS C 197 37.20 5.67 -18.43
C HIS C 197 36.04 5.69 -19.43
N LEU C 198 35.50 4.52 -19.75
CA LEU C 198 34.41 4.47 -20.71
C LEU C 198 33.17 5.18 -20.18
N ALA C 199 32.85 5.00 -18.90
CA ALA C 199 31.72 5.70 -18.32
C ALA C 199 31.94 7.21 -18.31
N LYS C 200 33.12 7.67 -17.87
CA LYS C 200 33.38 9.10 -17.76
C LYS C 200 33.45 9.77 -19.11
N THR C 201 33.96 9.08 -20.13
CA THR C 201 34.10 9.68 -21.46
C THR C 201 32.73 10.01 -22.05
N ALA C 202 31.83 9.03 -22.09
CA ALA C 202 30.52 9.27 -22.67
C ALA C 202 29.72 10.27 -21.85
N PHE C 203 29.82 10.19 -20.52
CA PHE C 203 29.10 11.13 -19.67
C PHE C 203 29.57 12.56 -19.91
N ASP C 204 30.88 12.76 -20.13
CA ASP C 204 31.38 14.07 -20.48
C ASP C 204 31.09 14.41 -21.94
N ASP C 205 31.07 13.41 -22.82
CA ASP C 205 30.66 13.64 -24.20
C ASP C 205 29.23 14.18 -24.24
N ALA C 206 28.37 13.70 -23.35
CA ALA C 206 26.98 14.15 -23.31
C ALA C 206 26.85 15.53 -22.69
N ILE C 207 27.68 15.85 -21.70
CA ILE C 207 27.62 17.18 -21.10
C ILE C 207 28.18 18.22 -22.07
N ALA C 208 29.22 17.85 -22.82
CA ALA C 208 29.73 18.73 -23.87
C ALA C 208 28.65 19.06 -24.89
N GLU C 209 27.66 18.18 -25.08
CA GLU C 209 26.56 18.37 -26.00
C GLU C 209 25.21 18.31 -25.28
N LEU C 210 25.15 18.90 -24.08
CA LEU C 210 23.89 18.94 -23.33
C LEU C 210 22.83 19.77 -24.02
N ASP C 211 23.23 20.71 -24.88
CA ASP C 211 22.29 21.56 -25.59
C ASP C 211 21.51 20.81 -26.67
N THR C 212 21.75 19.52 -26.86
CA THR C 212 21.11 18.78 -27.95
C THR C 212 19.82 18.10 -27.54
N LEU C 213 19.46 18.12 -26.26
CA LEU C 213 18.26 17.43 -25.78
C LEU C 213 16.97 17.97 -26.39
N SER C 217 11.89 14.54 -25.09
CA SER C 217 12.28 13.23 -24.55
C SER C 217 13.68 13.26 -23.90
N TYR C 218 13.92 14.28 -23.08
CA TYR C 218 15.19 14.44 -22.38
C TYR C 218 15.28 13.63 -21.09
N LYS C 219 14.15 13.21 -20.53
CA LYS C 219 14.17 12.50 -19.25
C LYS C 219 14.89 11.17 -19.35
N ASP C 220 14.78 10.49 -20.50
CA ASP C 220 15.50 9.23 -20.69
C ASP C 220 17.01 9.46 -20.64
N SER C 221 17.49 10.48 -21.37
CA SER C 221 18.91 10.74 -21.41
C SER C 221 19.43 11.22 -20.06
N THR C 222 18.65 12.04 -19.36
CA THR C 222 19.12 12.58 -18.08
C THR C 222 19.25 11.48 -17.02
N LEU C 223 18.31 10.54 -16.98
CA LEU C 223 18.38 9.50 -15.96
C LEU C 223 19.60 8.60 -16.18
N ILE C 224 19.92 8.29 -17.44
CA ILE C 224 21.08 7.44 -17.70
C ILE C 224 22.38 8.19 -17.40
N MET C 225 22.40 9.51 -17.63
CA MET C 225 23.59 10.29 -17.31
C MET C 225 23.84 10.34 -15.81
N GLN C 226 22.78 10.23 -14.99
CA GLN C 226 22.96 10.25 -13.55
C GLN C 226 23.44 8.89 -13.03
N LEU C 227 22.94 7.80 -13.63
CA LEU C 227 23.45 6.48 -13.26
C LEU C 227 24.93 6.35 -13.59
N LEU C 228 25.40 7.03 -14.64
CA LEU C 228 26.83 7.02 -14.94
C LEU C 228 27.63 7.72 -13.84
N ARG C 229 27.11 8.83 -13.33
CA ARG C 229 27.79 9.53 -12.24
C ARG C 229 27.66 8.77 -10.92
N ASP C 230 26.51 8.13 -10.69
CA ASP C 230 26.36 7.27 -9.51
C ASP C 230 27.38 6.14 -9.54
N ASN C 231 27.51 5.47 -10.68
CA ASN C 231 28.50 4.41 -10.81
C ASN C 231 29.92 4.96 -10.73
N LEU C 232 30.15 6.13 -11.33
CA LEU C 232 31.49 6.72 -11.29
C LEU C 232 31.91 7.03 -9.87
N THR C 233 30.99 7.47 -9.02
CA THR C 233 31.33 7.79 -7.63
C THR C 233 31.58 6.54 -6.82
N LEU C 234 30.81 5.47 -7.07
CA LEU C 234 30.98 4.20 -6.37
C LEU C 234 32.18 3.41 -6.87
N TRP C 235 32.90 3.90 -7.87
CA TRP C 235 34.07 3.21 -8.39
C TRP C 235 35.35 3.98 -8.05
N ASP D 5 -4.72 38.90 4.26
CA ASP D 5 -4.99 38.64 2.86
C ASP D 5 -5.86 37.40 2.70
N ARG D 6 -6.86 37.48 1.81
CA ARG D 6 -7.78 36.37 1.63
C ARG D 6 -7.15 35.26 0.81
N GLU D 7 -6.49 35.59 -0.29
CA GLU D 7 -5.83 34.59 -1.12
C GLU D 7 -4.81 33.79 -0.33
N GLN D 8 -4.24 34.39 0.71
CA GLN D 8 -3.28 33.70 1.57
C GLN D 8 -3.94 32.53 2.29
N LEU D 9 -5.07 32.79 2.94
CA LEU D 9 -5.74 31.78 3.75
C LEU D 9 -6.39 30.67 2.92
N VAL D 10 -6.87 30.99 1.73
CA VAL D 10 -7.48 29.98 0.89
C VAL D 10 -6.42 28.99 0.41
N GLN D 11 -5.23 29.49 0.05
CA GLN D 11 -4.12 28.60 -0.25
C GLN D 11 -3.71 27.78 0.95
N LYS D 12 -3.78 28.36 2.15
CA LYS D 12 -3.48 27.62 3.36
C LYS D 12 -4.46 26.47 3.58
N ALA D 13 -5.69 26.61 3.10
CA ALA D 13 -6.65 25.51 3.20
C ALA D 13 -6.37 24.46 2.14
N ARG D 14 -6.13 24.87 0.89
CA ARG D 14 -5.78 23.91 -0.14
C ARG D 14 -4.49 23.17 0.20
N LEU D 15 -3.57 23.83 0.89
CA LEU D 15 -2.36 23.15 1.32
C LEU D 15 -2.65 22.13 2.40
N ALA D 16 -3.39 22.54 3.44
CA ALA D 16 -3.71 21.63 4.53
C ALA D 16 -4.48 20.43 4.05
N GLU D 17 -5.29 20.58 2.99
CA GLU D 17 -6.03 19.45 2.46
C GLU D 17 -5.10 18.40 1.87
N GLN D 18 -4.08 18.82 1.15
CA GLN D 18 -3.13 17.87 0.55
C GLN D 18 -2.20 17.30 1.61
N ALA D 19 -1.87 18.10 2.62
CA ALA D 19 -1.13 17.61 3.78
C ALA D 19 -1.98 16.71 4.67
N GLU D 20 -3.27 16.57 4.36
CA GLU D 20 -4.19 15.74 5.15
C GLU D 20 -4.23 16.21 6.61
N ARG D 21 -4.26 17.53 6.79
CA ARG D 21 -4.34 18.15 8.11
C ARG D 21 -5.63 18.97 8.15
N TYR D 22 -6.75 18.29 8.41
CA TYR D 22 -8.05 18.94 8.28
C TYR D 22 -8.35 19.89 9.44
N ASP D 23 -7.77 19.62 10.62
CA ASP D 23 -7.88 20.58 11.71
C ASP D 23 -7.37 21.96 11.29
N ASP D 24 -6.25 22.00 10.57
CA ASP D 24 -5.74 23.27 10.05
C ASP D 24 -6.60 23.81 8.92
N MET D 25 -7.04 22.94 8.01
CA MET D 25 -7.86 23.38 6.89
C MET D 25 -9.21 23.89 7.36
N ALA D 26 -9.76 23.29 8.42
CA ALA D 26 -10.97 23.83 9.03
C ALA D 26 -10.69 25.16 9.73
N ALA D 27 -9.57 25.25 10.46
CA ALA D 27 -9.21 26.53 11.06
C ALA D 27 -8.89 27.61 10.02
N ALA D 28 -8.53 27.21 8.80
CA ALA D 28 -8.26 28.18 7.75
C ALA D 28 -9.55 28.80 7.21
N MET D 29 -10.53 27.96 6.88
CA MET D 29 -11.79 28.46 6.31
C MET D 29 -12.62 29.21 7.34
N LYS D 30 -12.39 28.98 8.63
CA LYS D 30 -13.07 29.76 9.65
C LYS D 30 -12.67 31.22 9.56
N ASN D 31 -11.38 31.49 9.32
CA ASN D 31 -10.93 32.86 9.17
C ASN D 31 -11.39 33.46 7.85
N VAL D 32 -11.50 32.65 6.80
CA VAL D 32 -12.04 33.15 5.54
C VAL D 32 -13.53 33.47 5.69
N THR D 33 -14.28 32.61 6.39
CA THR D 33 -15.68 32.90 6.64
C THR D 33 -15.83 34.12 7.55
N GLU D 34 -14.97 34.24 8.56
CA GLU D 34 -15.02 35.39 9.46
C GLU D 34 -14.58 36.69 8.80
N LEU D 35 -14.05 36.64 7.57
CA LEU D 35 -13.74 37.85 6.83
C LEU D 35 -14.98 38.63 6.40
N ASN D 36 -16.18 38.14 6.74
CA ASN D 36 -17.45 38.76 6.39
C ASN D 36 -17.58 38.93 4.87
N GLU D 37 -17.45 37.80 4.17
CA GLU D 37 -17.54 37.78 2.73
C GLU D 37 -18.20 36.48 2.29
N PRO D 38 -18.89 36.46 1.19
CA PRO D 38 -19.42 35.21 0.65
C PRO D 38 -18.29 34.28 0.21
N LEU D 39 -18.60 32.99 0.16
CA LEU D 39 -17.67 31.99 -0.33
C LEU D 39 -18.02 31.60 -1.76
N SER D 40 -17.00 31.45 -2.59
CA SER D 40 -17.19 30.93 -3.93
C SER D 40 -17.57 29.45 -3.87
N ASN D 41 -18.00 28.92 -5.01
CA ASN D 41 -18.34 27.50 -5.06
C ASN D 41 -17.17 26.64 -4.60
N GLU D 42 -15.97 26.94 -5.10
CA GLU D 42 -14.79 26.19 -4.66
C GLU D 42 -14.52 26.42 -3.19
N GLU D 43 -14.77 27.64 -2.70
CA GLU D 43 -14.54 27.92 -1.28
C GLU D 43 -15.60 27.28 -0.40
N ARG D 44 -16.80 27.05 -0.94
CA ARG D 44 -17.83 26.36 -0.16
C ARG D 44 -17.47 24.89 0.04
N ASN D 45 -16.94 24.26 -1.00
CA ASN D 45 -16.55 22.85 -0.90
C ASN D 45 -15.39 22.67 0.07
N LEU D 46 -14.44 23.62 0.08
CA LEU D 46 -13.32 23.55 1.02
C LEU D 46 -13.82 23.53 2.46
N LEU D 47 -14.77 24.40 2.80
CA LEU D 47 -15.30 24.43 4.15
C LEU D 47 -16.01 23.12 4.50
N SER D 48 -16.86 22.64 3.59
CA SER D 48 -17.60 21.42 3.87
C SER D 48 -16.66 20.23 3.97
N VAL D 49 -15.69 20.13 3.07
CA VAL D 49 -14.72 19.04 3.13
C VAL D 49 -13.92 19.12 4.43
N ALA D 50 -13.54 20.33 4.83
CA ALA D 50 -12.73 20.49 6.03
C ALA D 50 -13.45 19.95 7.26
N TYR D 51 -14.65 20.47 7.53
CA TYR D 51 -15.32 20.13 8.77
C TYR D 51 -15.92 18.72 8.71
N LYS D 52 -16.33 18.24 7.54
CA LYS D 52 -16.80 16.86 7.45
C LYS D 52 -15.67 15.88 7.74
N ASN D 53 -14.43 16.22 7.39
CA ASN D 53 -13.29 15.36 7.68
C ASN D 53 -12.81 15.51 9.11
N VAL D 54 -12.94 16.71 9.69
CA VAL D 54 -12.59 16.88 11.10
C VAL D 54 -13.59 16.15 11.98
N VAL D 55 -14.87 16.45 11.83
CA VAL D 55 -15.88 15.76 12.63
C VAL D 55 -15.97 14.28 12.27
N GLY D 56 -15.64 13.93 11.03
CA GLY D 56 -15.65 12.52 10.66
C GLY D 56 -14.65 11.71 11.47
N ALA D 57 -13.47 12.27 11.72
CA ALA D 57 -12.47 11.56 12.52
C ALA D 57 -12.95 11.34 13.94
N ARG D 58 -13.78 12.24 14.46
CA ARG D 58 -14.30 12.11 15.82
C ARG D 58 -15.47 11.16 15.87
N ARG D 59 -16.34 11.19 14.85
CA ARG D 59 -17.42 10.22 14.75
C ARG D 59 -16.88 8.80 14.72
N SER D 60 -15.83 8.56 13.94
CA SER D 60 -15.24 7.22 13.87
C SER D 60 -14.63 6.82 15.22
N SER D 61 -13.95 7.76 15.88
CA SER D 61 -13.38 7.47 17.19
C SER D 61 -14.44 7.25 18.25
N TRP D 62 -15.60 7.91 18.12
CA TRP D 62 -16.65 7.76 19.11
C TRP D 62 -17.31 6.39 19.00
N ARG D 63 -17.64 5.95 17.77
CA ARG D 63 -18.35 4.70 17.62
C ARG D 63 -17.53 3.51 18.09
N VAL D 64 -16.20 3.64 18.06
CA VAL D 64 -15.33 2.58 18.54
C VAL D 64 -15.34 2.53 20.07
N ILE D 65 -15.14 3.68 20.72
CA ILE D 65 -15.10 3.72 22.17
C ILE D 65 -16.50 3.54 22.77
N SER D 66 -17.54 4.02 22.08
CA SER D 66 -18.89 3.81 22.58
C SER D 66 -19.33 2.35 22.46
N SER D 67 -18.68 1.58 21.58
CA SER D 67 -19.03 0.17 21.45
C SER D 67 -18.51 -0.62 22.65
N ILE D 68 -17.21 -0.48 22.96
CA ILE D 68 -16.65 -1.19 24.10
C ILE D 68 -17.25 -0.73 25.42
N GLU D 69 -17.83 0.49 25.45
CA GLU D 69 -18.47 0.96 26.67
C GLU D 69 -19.85 0.32 26.86
N GLN D 70 -20.66 0.29 25.80
CA GLN D 70 -21.99 -0.30 25.92
C GLN D 70 -21.91 -1.81 26.09
N LYS D 71 -20.93 -2.45 25.46
CA LYS D 71 -20.77 -3.90 25.53
C LYS D 71 -20.02 -4.30 26.80
N GLY D 76 -17.53 -5.10 33.88
CA GLY D 76 -16.12 -4.74 33.76
C GLY D 76 -15.45 -4.60 35.10
N ASN D 77 -14.16 -4.22 35.08
CA ASN D 77 -13.37 -4.14 36.31
C ASN D 77 -13.79 -3.01 37.23
N GLU D 78 -14.76 -2.18 36.82
CA GLU D 78 -15.26 -1.04 37.58
C GLU D 78 -14.22 0.07 37.62
N LYS D 79 -13.00 -0.22 37.18
CA LYS D 79 -11.99 0.78 36.89
C LYS D 79 -11.67 0.87 35.41
N LYS D 80 -11.89 -0.22 34.65
CA LYS D 80 -11.88 -0.12 33.20
C LYS D 80 -13.08 0.68 32.70
N ILE D 81 -14.27 0.37 33.21
CA ILE D 81 -15.47 1.11 32.81
C ILE D 81 -15.32 2.60 33.15
N GLU D 82 -14.69 2.90 34.29
CA GLU D 82 -14.45 4.29 34.66
C GLU D 82 -13.64 5.01 33.59
N MET D 83 -12.61 4.34 33.07
CA MET D 83 -11.74 4.95 32.07
C MET D 83 -12.41 5.02 30.70
N VAL D 84 -13.03 3.91 30.29
CA VAL D 84 -13.71 3.86 29.00
C VAL D 84 -14.83 4.90 28.94
N ARG D 85 -15.57 5.05 30.04
CA ARG D 85 -16.57 6.11 30.10
C ARG D 85 -15.91 7.47 29.96
N ALA D 86 -14.78 7.67 30.65
CA ALA D 86 -14.10 8.96 30.59
C ALA D 86 -13.59 9.25 29.18
N TYR D 87 -13.09 8.23 28.49
CA TYR D 87 -12.60 8.44 27.14
C TYR D 87 -13.71 8.78 26.16
N ARG D 88 -14.90 8.18 26.34
CA ARG D 88 -16.03 8.51 25.49
C ARG D 88 -16.44 9.96 25.64
N GLU D 89 -16.55 10.44 26.88
CA GLU D 89 -16.91 11.84 27.10
C GLU D 89 -15.86 12.77 26.53
N LYS D 90 -14.58 12.39 26.58
CA LYS D 90 -13.52 13.22 26.00
C LYS D 90 -13.71 13.37 24.50
N ILE D 91 -13.83 12.23 23.79
CA ILE D 91 -14.07 12.28 22.35
C ILE D 91 -15.39 12.95 22.06
N GLU D 92 -16.39 12.74 22.92
CA GLU D 92 -17.69 13.37 22.74
C GLU D 92 -17.57 14.89 22.74
N LYS D 93 -17.02 15.45 23.82
CA LYS D 93 -16.93 16.90 23.95
C LYS D 93 -16.10 17.50 22.82
N GLU D 94 -15.12 16.76 22.29
CA GLU D 94 -14.38 17.24 21.13
C GLU D 94 -15.29 17.35 19.92
N LEU D 95 -16.14 16.34 19.70
CA LEU D 95 -17.08 16.37 18.58
C LEU D 95 -18.08 17.51 18.73
N GLU D 96 -18.58 17.75 19.95
CA GLU D 96 -19.54 18.82 20.15
C GLU D 96 -18.94 20.18 19.80
N ALA D 97 -17.66 20.39 20.14
CA ALA D 97 -17.04 21.69 19.91
C ALA D 97 -16.78 21.93 18.42
N VAL D 98 -16.58 20.87 17.64
CA VAL D 98 -16.38 21.05 16.20
C VAL D 98 -17.70 21.37 15.51
N CYS D 99 -18.77 20.66 15.88
CA CYS D 99 -20.07 20.97 15.31
C CYS D 99 -20.51 22.38 15.68
N GLN D 100 -20.25 22.79 16.94
CA GLN D 100 -20.54 24.16 17.33
C GLN D 100 -19.74 25.15 16.49
N ASP D 101 -18.56 24.77 16.03
CA ASP D 101 -17.77 25.64 15.19
C ASP D 101 -18.44 25.90 13.84
N VAL D 102 -18.98 24.86 13.22
CA VAL D 102 -19.62 25.02 11.93
C VAL D 102 -20.92 25.81 12.08
N LEU D 103 -21.78 25.40 13.00
CA LEU D 103 -23.09 26.02 13.14
C LEU D 103 -22.98 27.48 13.54
N SER D 104 -21.91 27.84 14.25
CA SER D 104 -21.70 29.25 14.56
C SER D 104 -21.33 30.03 13.31
N LEU D 105 -20.58 29.41 12.40
CA LEU D 105 -20.29 30.07 11.13
C LEU D 105 -21.52 30.11 10.23
N LEU D 106 -22.29 29.02 10.20
CA LEU D 106 -23.45 28.97 9.31
C LEU D 106 -24.49 30.01 9.70
N ASP D 107 -24.84 30.07 10.98
CA ASP D 107 -25.92 30.96 11.40
C ASP D 107 -25.50 32.42 11.33
N ASN D 108 -24.27 32.73 11.77
CA ASN D 108 -23.87 34.12 11.94
C ASN D 108 -23.34 34.75 10.65
N TYR D 109 -22.68 33.97 9.79
CA TYR D 109 -22.03 34.51 8.60
C TYR D 109 -22.64 34.00 7.30
N LEU D 110 -22.71 32.69 7.11
CA LEU D 110 -23.01 32.12 5.79
C LEU D 110 -24.49 32.24 5.45
N ILE D 111 -25.36 31.60 6.24
CA ILE D 111 -26.79 31.65 5.97
C ILE D 111 -27.30 33.09 6.07
N LYS D 112 -26.73 33.88 6.97
CA LYS D 112 -27.16 35.28 7.10
C LYS D 112 -26.89 36.05 5.81
N ASN D 113 -25.68 35.96 5.29
CA ASN D 113 -25.27 36.75 4.13
C ASN D 113 -25.85 36.23 2.81
N CYS D 114 -26.62 35.16 2.83
CA CYS D 114 -27.28 34.68 1.61
C CYS D 114 -28.46 35.57 1.27
N SER D 115 -28.56 35.96 -0.01
CA SER D 115 -29.68 36.74 -0.47
C SER D 115 -30.86 35.83 -0.84
N GLU D 116 -31.98 36.47 -1.17
CA GLU D 116 -33.25 35.76 -1.33
C GLU D 116 -33.19 34.71 -2.44
N THR D 117 -32.46 34.98 -3.52
CA THR D 117 -32.42 34.12 -4.69
C THR D 117 -31.18 33.24 -4.78
N GLN D 118 -30.22 33.39 -3.85
CA GLN D 118 -29.02 32.58 -3.85
C GLN D 118 -29.34 31.19 -3.29
N TYR D 119 -30.09 30.43 -4.10
CA TYR D 119 -30.69 29.19 -3.62
C TYR D 119 -29.66 28.10 -3.38
N GLU D 120 -28.65 28.01 -4.25
CA GLU D 120 -27.65 26.94 -4.13
C GLU D 120 -26.90 27.06 -2.80
N SER D 121 -26.29 28.21 -2.54
CA SER D 121 -25.68 28.48 -1.23
C SER D 121 -26.71 28.31 -0.13
N LYS D 122 -27.92 28.82 -0.33
CA LYS D 122 -28.98 28.66 0.66
C LYS D 122 -29.14 27.20 1.06
N VAL D 123 -29.36 26.34 0.07
CA VAL D 123 -29.65 24.94 0.34
C VAL D 123 -28.40 24.22 0.81
N PHE D 124 -27.23 24.62 0.31
CA PHE D 124 -25.98 23.99 0.71
C PHE D 124 -25.67 24.24 2.19
N TYR D 125 -25.80 25.48 2.64
CA TYR D 125 -25.52 25.79 4.04
C TYR D 125 -26.56 25.17 4.97
N LEU D 126 -27.84 25.25 4.59
CA LEU D 126 -28.88 24.66 5.42
C LEU D 126 -28.76 23.15 5.48
N LYS D 127 -28.29 22.51 4.41
CA LYS D 127 -28.03 21.07 4.48
C LYS D 127 -26.86 20.78 5.41
N MET D 128 -25.79 21.59 5.34
CA MET D 128 -24.71 21.46 6.31
C MET D 128 -25.22 21.64 7.73
N LYS D 129 -26.04 22.67 7.96
CA LYS D 129 -26.53 22.96 9.30
C LYS D 129 -27.30 21.77 9.85
N GLY D 130 -28.26 21.26 9.07
CA GLY D 130 -29.02 20.11 9.52
C GLY D 130 -28.18 18.87 9.72
N ASP D 131 -27.03 18.78 9.05
CA ASP D 131 -26.15 17.64 9.21
C ASP D 131 -25.41 17.67 10.54
N TYR D 132 -24.88 18.82 10.93
CA TYR D 132 -24.09 18.92 12.16
C TYR D 132 -24.95 18.89 13.41
N TYR D 133 -26.22 19.24 13.30
CA TYR D 133 -27.15 18.94 14.38
C TYR D 133 -27.47 17.45 14.43
N ARG D 134 -27.46 16.79 13.27
CA ARG D 134 -27.65 15.35 13.25
C ARG D 134 -26.47 14.64 13.87
N TYR D 135 -25.26 15.17 13.69
CA TYR D 135 -24.09 14.59 14.34
C TYR D 135 -24.14 14.80 15.84
N LEU D 136 -24.56 15.98 16.29
CA LEU D 136 -24.80 16.18 17.71
C LEU D 136 -25.91 15.27 18.21
N ALA D 137 -26.86 14.93 17.34
CA ALA D 137 -27.96 14.04 17.69
C ALA D 137 -27.51 12.59 17.82
N GLU D 138 -26.28 12.26 17.44
CA GLU D 138 -25.78 10.91 17.51
C GLU D 138 -25.07 10.60 18.81
N VAL D 139 -24.61 11.62 19.52
CA VAL D 139 -23.94 11.44 20.80
C VAL D 139 -24.81 11.88 21.99
N ALA D 140 -25.65 12.89 21.82
CA ALA D 140 -26.47 13.40 22.91
C ALA D 140 -27.55 12.41 23.30
N THR D 141 -28.12 12.65 24.49
CA THR D 141 -29.24 11.86 25.00
C THR D 141 -30.17 12.77 25.78
N GLY D 142 -31.38 12.26 26.03
CA GLY D 142 -32.35 12.98 26.83
C GLY D 142 -32.78 14.31 26.23
N GLU D 143 -32.57 15.39 27.00
CA GLU D 143 -33.05 16.71 26.62
C GLU D 143 -32.16 17.37 25.58
N LYS D 144 -30.84 17.26 25.74
CA LYS D 144 -29.93 17.83 24.75
C LYS D 144 -30.11 17.17 23.38
N ARG D 145 -30.48 15.88 23.36
CA ARG D 145 -30.73 15.21 22.10
C ARG D 145 -32.00 15.73 21.44
N ALA D 146 -33.09 15.78 22.20
CA ALA D 146 -34.37 16.22 21.63
C ALA D 146 -34.28 17.61 21.01
N THR D 147 -33.42 18.48 21.57
CA THR D 147 -33.29 19.84 21.05
C THR D 147 -32.51 19.87 19.75
N VAL D 148 -31.33 19.25 19.73
CA VAL D 148 -30.52 19.24 18.52
C VAL D 148 -31.19 18.42 17.40
N VAL D 149 -32.08 17.48 17.76
CA VAL D 149 -32.86 16.80 16.73
C VAL D 149 -33.85 17.77 16.10
N GLU D 150 -34.35 18.72 16.89
CA GLU D 150 -35.29 19.69 16.35
C GLU D 150 -34.60 20.69 15.43
N SER D 151 -33.40 21.14 15.82
CA SER D 151 -32.64 22.04 14.98
C SER D 151 -32.24 21.39 13.66
N SER D 152 -32.04 20.07 13.67
CA SER D 152 -31.69 19.35 12.45
C SER D 152 -32.87 19.25 11.50
N GLU D 153 -34.08 19.11 12.05
CA GLU D 153 -35.26 18.98 11.21
C GLU D 153 -35.66 20.31 10.60
N LYS D 154 -35.48 21.42 11.32
CA LYS D 154 -35.90 22.71 10.79
C LYS D 154 -34.93 23.24 9.74
N ALA D 155 -33.65 22.84 9.82
CA ALA D 155 -32.71 23.18 8.76
C ALA D 155 -32.92 22.29 7.54
N TYR D 156 -33.09 20.98 7.76
CA TYR D 156 -33.27 20.07 6.64
C TYR D 156 -34.56 20.39 5.87
N SER D 157 -35.65 20.69 6.59
CA SER D 157 -36.95 20.84 5.94
C SER D 157 -37.02 22.12 5.11
N GLU D 158 -36.54 23.24 5.67
CA GLU D 158 -36.50 24.47 4.89
C GLU D 158 -35.60 24.32 3.67
N ALA D 159 -34.43 23.69 3.86
CA ALA D 159 -33.58 23.42 2.71
C ALA D 159 -34.26 22.50 1.71
N HIS D 160 -35.12 21.60 2.19
CA HIS D 160 -35.91 20.76 1.30
C HIS D 160 -36.95 21.58 0.55
N GLU D 161 -37.59 22.54 1.21
CA GLU D 161 -38.64 23.32 0.56
C GLU D 161 -38.07 24.23 -0.52
N ILE D 162 -36.85 24.74 -0.32
CA ILE D 162 -36.24 25.63 -1.30
C ILE D 162 -35.76 24.84 -2.52
N SER D 163 -35.23 23.64 -2.29
CA SER D 163 -34.69 22.86 -3.40
C SER D 163 -35.78 22.30 -4.29
N LYS D 164 -36.93 21.92 -3.72
CA LYS D 164 -38.01 21.41 -4.54
C LYS D 164 -38.55 22.46 -5.49
N GLU D 165 -38.46 23.73 -5.12
CA GLU D 165 -39.12 24.79 -5.86
C GLU D 165 -38.21 25.53 -6.83
N HIS D 166 -36.89 25.50 -6.62
CA HIS D 166 -36.01 26.37 -7.39
C HIS D 166 -34.79 25.65 -7.95
N MET D 167 -34.66 24.33 -7.79
CA MET D 167 -33.49 23.61 -8.25
C MET D 167 -33.89 22.37 -9.02
N GLN D 168 -33.07 22.01 -10.00
CA GLN D 168 -33.34 20.83 -10.79
C GLN D 168 -33.35 19.59 -9.91
N PRO D 169 -34.27 18.64 -10.14
CA PRO D 169 -34.23 17.37 -9.40
C PRO D 169 -32.92 16.65 -9.53
N THR D 170 -32.09 17.03 -10.48
CA THR D 170 -30.85 16.34 -10.77
C THR D 170 -29.66 17.01 -10.08
N HIS D 171 -29.90 18.17 -9.47
CA HIS D 171 -28.81 18.93 -8.89
C HIS D 171 -28.15 18.15 -7.75
N PRO D 172 -26.82 18.10 -7.72
CA PRO D 172 -26.13 17.32 -6.68
C PRO D 172 -26.43 17.78 -5.26
N ILE D 173 -26.75 19.05 -5.04
CA ILE D 173 -27.04 19.51 -3.68
C ILE D 173 -28.43 19.07 -3.26
N ARG D 174 -29.43 19.29 -4.12
CA ARG D 174 -30.79 18.87 -3.80
C ARG D 174 -30.89 17.36 -3.64
N LEU D 175 -30.10 16.60 -4.42
CA LEU D 175 -30.09 15.16 -4.27
C LEU D 175 -29.40 14.73 -2.97
N GLY D 176 -28.23 15.32 -2.69
CA GLY D 176 -27.55 15.01 -1.44
C GLY D 176 -28.34 15.43 -0.21
N LEU D 177 -29.15 16.48 -0.35
CA LEU D 177 -30.03 16.89 0.73
C LEU D 177 -31.00 15.77 1.08
N ALA D 178 -31.66 15.21 0.06
CA ALA D 178 -32.66 14.19 0.30
C ALA D 178 -32.02 12.94 0.91
N LEU D 179 -30.84 12.57 0.41
CA LEU D 179 -30.10 11.46 1.00
C LEU D 179 -29.86 11.68 2.48
N ASN D 180 -29.31 12.84 2.84
CA ASN D 180 -29.05 13.12 4.25
C ASN D 180 -30.33 13.36 5.03
N TYR D 181 -31.36 13.90 4.38
CA TYR D 181 -32.64 14.11 5.06
C TYR D 181 -33.32 12.78 5.36
N SER D 182 -33.37 11.88 4.38
CA SER D 182 -34.00 10.58 4.62
C SER D 182 -33.26 9.80 5.70
N VAL D 183 -31.95 9.97 5.78
CA VAL D 183 -31.19 9.26 6.81
C VAL D 183 -31.52 9.82 8.18
N PHE D 184 -31.65 11.15 8.29
CA PHE D 184 -32.08 11.75 9.55
C PHE D 184 -33.41 11.17 10.02
N TYR D 185 -34.34 10.95 9.09
CA TYR D 185 -35.63 10.38 9.45
C TYR D 185 -35.51 8.93 9.91
N TYR D 186 -34.67 8.15 9.23
CA TYR D 186 -34.58 6.72 9.52
C TYR D 186 -33.78 6.44 10.78
N GLU D 187 -32.57 6.99 10.88
CA GLU D 187 -31.67 6.64 11.98
C GLU D 187 -31.99 7.45 13.23
N ILE D 188 -32.10 8.77 13.10
CA ILE D 188 -32.22 9.62 14.28
C ILE D 188 -33.66 9.66 14.80
N GLN D 189 -34.64 9.81 13.91
CA GLN D 189 -36.02 9.94 14.32
C GLN D 189 -36.80 8.62 14.31
N ASN D 190 -36.25 7.58 13.67
CA ASN D 190 -36.93 6.30 13.52
C ASN D 190 -38.32 6.48 12.91
N ALA D 191 -38.38 7.22 11.81
CA ALA D 191 -39.59 7.45 11.03
C ALA D 191 -39.40 6.81 9.66
N PRO D 192 -39.47 5.48 9.56
CA PRO D 192 -39.12 4.80 8.31
C PRO D 192 -40.13 5.01 7.19
N GLU D 193 -41.24 5.69 7.41
CA GLU D 193 -42.10 6.03 6.29
C GLU D 193 -41.68 7.34 5.64
N GLN D 194 -41.54 8.40 6.43
CA GLN D 194 -41.01 9.65 5.90
C GLN D 194 -39.60 9.48 5.37
N ALA D 195 -38.81 8.60 6.01
CA ALA D 195 -37.49 8.28 5.47
C ALA D 195 -37.60 7.64 4.10
N CYS D 196 -38.50 6.66 3.95
CA CYS D 196 -38.60 5.98 2.67
C CYS D 196 -39.32 6.85 1.65
N HIS D 197 -40.34 7.61 2.09
CA HIS D 197 -41.04 8.48 1.15
C HIS D 197 -40.14 9.57 0.59
N LEU D 198 -39.22 10.09 1.42
CA LEU D 198 -38.28 11.11 0.94
C LEU D 198 -37.34 10.54 -0.12
N ALA D 199 -36.76 9.37 0.15
CA ALA D 199 -35.79 8.80 -0.78
C ALA D 199 -36.44 8.47 -2.11
N LYS D 200 -37.54 7.72 -2.08
CA LYS D 200 -38.18 7.29 -3.33
C LYS D 200 -38.63 8.49 -4.16
N THR D 201 -39.18 9.51 -3.52
CA THR D 201 -39.64 10.69 -4.23
C THR D 201 -38.48 11.39 -4.92
N ALA D 202 -37.42 11.70 -4.17
CA ALA D 202 -36.25 12.36 -4.76
C ALA D 202 -35.57 11.48 -5.80
N PHE D 203 -35.49 10.17 -5.54
CA PHE D 203 -34.91 9.26 -6.51
C PHE D 203 -35.71 9.26 -7.81
N ASP D 204 -37.03 9.08 -7.71
CA ASP D 204 -37.84 9.00 -8.92
C ASP D 204 -37.85 10.32 -9.67
N ASP D 205 -37.84 11.45 -8.95
CA ASP D 205 -37.85 12.76 -9.61
C ASP D 205 -36.64 12.94 -10.51
N ALA D 206 -35.48 12.41 -10.11
CA ALA D 206 -34.28 12.55 -10.92
C ALA D 206 -34.29 11.61 -12.12
N ILE D 207 -34.77 10.38 -11.94
CA ILE D 207 -34.87 9.46 -13.07
C ILE D 207 -35.88 9.98 -14.08
N ALA D 208 -36.92 10.67 -13.61
CA ALA D 208 -37.87 11.31 -14.51
C ALA D 208 -37.22 12.37 -15.39
N GLU D 209 -36.08 12.92 -14.99
CA GLU D 209 -35.36 13.95 -15.73
C GLU D 209 -33.87 13.61 -15.80
N LEU D 210 -33.56 12.39 -16.27
CA LEU D 210 -32.18 11.95 -16.42
C LEU D 210 -31.44 12.70 -17.53
N ASP D 211 -32.16 13.24 -18.51
CA ASP D 211 -31.56 14.01 -19.60
C ASP D 211 -30.94 15.31 -19.13
N THR D 212 -31.09 15.68 -17.86
CA THR D 212 -30.59 16.93 -17.34
C THR D 212 -29.22 16.81 -16.67
N LEU D 213 -28.61 15.63 -16.72
CA LEU D 213 -27.32 15.39 -16.07
C LEU D 213 -26.22 16.14 -16.81
N ASN D 214 -25.62 17.12 -16.14
CA ASN D 214 -24.54 17.90 -16.74
C ASN D 214 -23.29 17.04 -16.86
N GLU D 215 -22.59 17.19 -18.00
CA GLU D 215 -21.39 16.40 -18.24
C GLU D 215 -20.25 16.73 -17.30
N ASP D 216 -20.35 17.82 -16.53
CA ASP D 216 -19.30 18.18 -15.58
C ASP D 216 -19.64 17.78 -14.15
N SER D 217 -20.90 17.48 -13.85
CA SER D 217 -21.28 17.10 -12.50
C SER D 217 -22.25 15.93 -12.47
N TYR D 218 -22.20 15.04 -13.47
CA TYR D 218 -23.14 13.92 -13.50
C TYR D 218 -22.70 12.78 -12.58
N LYS D 219 -21.41 12.64 -12.31
CA LYS D 219 -20.97 11.60 -11.39
C LYS D 219 -21.42 11.90 -9.96
N ASP D 220 -21.39 13.17 -9.57
CA ASP D 220 -21.85 13.53 -8.23
C ASP D 220 -23.32 13.18 -8.05
N SER D 221 -24.16 13.47 -9.05
CA SER D 221 -25.57 13.12 -8.94
C SER D 221 -25.80 11.62 -9.12
N THR D 222 -25.00 10.98 -9.97
CA THR D 222 -25.20 9.55 -10.23
C THR D 222 -24.96 8.72 -8.98
N LEU D 223 -23.85 8.97 -8.29
CA LEU D 223 -23.55 8.15 -7.11
C LEU D 223 -24.60 8.34 -6.02
N ILE D 224 -25.13 9.55 -5.89
CA ILE D 224 -26.07 9.84 -4.81
C ILE D 224 -27.38 9.09 -5.02
N MET D 225 -27.88 9.06 -6.25
CA MET D 225 -29.05 8.24 -6.53
C MET D 225 -28.75 6.77 -6.35
N GLN D 226 -27.52 6.35 -6.67
CA GLN D 226 -27.10 4.99 -6.36
C GLN D 226 -27.11 4.74 -4.85
N LEU D 227 -26.83 5.78 -4.06
CA LEU D 227 -26.91 5.65 -2.60
C LEU D 227 -28.36 5.61 -2.12
N LEU D 228 -29.24 6.41 -2.73
CA LEU D 228 -30.65 6.35 -2.38
C LEU D 228 -31.23 4.98 -2.67
N ARG D 229 -30.72 4.30 -3.71
CA ARG D 229 -31.16 2.95 -4.01
C ARG D 229 -30.67 1.96 -2.97
N ASP D 230 -29.44 2.16 -2.47
CA ASP D 230 -28.92 1.28 -1.43
C ASP D 230 -29.69 1.43 -0.13
N ASN D 231 -29.94 2.67 0.29
CA ASN D 231 -30.72 2.88 1.51
C ASN D 231 -32.13 2.33 1.38
N LEU D 232 -32.79 2.60 0.25
CA LEU D 232 -34.14 2.11 0.04
C LEU D 232 -34.17 0.59 0.01
N THR D 233 -33.14 -0.04 -0.57
CA THR D 233 -33.08 -1.49 -0.63
C THR D 233 -32.96 -2.12 0.75
N LEU D 234 -32.41 -1.40 1.72
CA LEU D 234 -32.23 -1.93 3.07
C LEU D 234 -33.16 -1.30 4.09
N TRP D 235 -34.08 -0.42 3.67
CA TRP D 235 -35.06 0.17 4.57
C TRP D 235 -36.42 -0.52 4.53
N THR D 236 -36.69 -1.32 3.50
CA THR D 236 -37.96 -2.03 3.37
C THR D 236 -37.83 -3.53 3.62
N ARG E 1 -13.46 -3.54 -5.08
CA ARG E 1 -12.92 -4.61 -4.23
C ARG E 1 -13.07 -4.29 -2.75
N SER E 2 -12.83 -5.28 -1.90
CA SER E 2 -12.79 -5.13 -0.45
C SER E 2 -11.45 -5.66 0.05
N LEU E 3 -11.23 -5.54 1.36
CA LEU E 3 -10.00 -6.02 1.98
C LEU E 3 -10.24 -7.38 2.64
N SEP E 4 -9.43 -8.36 2.26
CA SEP E 4 -9.52 -9.69 2.86
CB SEP E 4 -9.62 -10.76 1.77
OG SEP E 4 -8.47 -10.71 0.95
C SEP E 4 -8.31 -9.95 3.75
O SEP E 4 -7.48 -9.08 3.94
P SEP E 4 -8.56 -11.81 -0.21
O1P SEP E 4 -8.53 -13.27 0.47
O2P SEP E 4 -9.92 -11.59 -1.05
O3P SEP E 4 -7.29 -11.67 -1.19
N ALA E 5 -8.23 -11.16 4.29
CA ALA E 5 -7.11 -11.52 5.12
C ALA E 5 -5.89 -11.88 4.27
N PRO E 6 -4.70 -11.52 4.74
CA PRO E 6 -3.46 -11.89 4.05
C PRO E 6 -3.27 -13.40 3.96
N ARG F 1 27.67 -5.17 -7.12
CA ARG F 1 26.68 -4.98 -8.17
C ARG F 1 26.49 -3.49 -8.46
N SER F 2 26.69 -3.10 -9.70
CA SER F 2 26.59 -1.71 -10.12
C SER F 2 25.24 -1.46 -10.80
N LEU F 3 25.02 -0.23 -11.23
CA LEU F 3 23.74 0.15 -11.83
C LEU F 3 23.77 0.06 -13.35
N SEP F 4 22.88 -0.74 -13.93
CA SEP F 4 22.79 -0.84 -15.37
CB SEP F 4 22.69 -2.30 -15.82
OG SEP F 4 21.49 -2.88 -15.34
C SEP F 4 21.61 -0.02 -15.91
O SEP F 4 20.92 0.68 -15.15
P SEP F 4 21.37 -4.44 -15.69
O1P SEP F 4 21.21 -4.67 -17.27
O2P SEP F 4 22.68 -5.23 -15.18
O3P SEP F 4 20.07 -5.00 -14.93
N ALA F 5 21.39 -0.08 -17.22
CA ALA F 5 20.29 0.65 -17.85
C ALA F 5 18.95 -0.01 -17.51
N PRO F 6 17.93 0.81 -17.24
CA PRO F 6 16.61 0.29 -16.85
C PRO F 6 15.78 -0.18 -18.05
N ARG G 1 12.11 7.55 -1.53
CA ARG G 1 11.45 6.93 -0.39
C ARG G 1 11.82 5.45 -0.27
N SER G 2 12.78 5.16 0.61
CA SER G 2 13.24 3.81 0.87
C SER G 2 12.34 3.13 1.89
N LEU G 3 12.52 1.82 2.04
CA LEU G 3 11.71 1.03 2.96
C LEU G 3 12.37 0.93 4.34
N SEP G 4 11.72 1.48 5.35
CA SEP G 4 12.26 1.44 6.71
CB SEP G 4 12.18 2.82 7.38
OG SEP G 4 10.86 3.14 7.79
C SEP G 4 11.55 0.39 7.56
O SEP G 4 10.55 -0.20 7.13
P SEP G 4 10.79 4.59 8.52
O1P SEP G 4 11.43 5.72 7.57
O2P SEP G 4 9.26 4.97 8.84
O3P SEP G 4 11.62 4.55 9.90
N ALA G 5 12.08 0.13 8.75
CA ALA G 5 11.48 -0.81 9.69
C ALA G 5 10.13 -0.28 10.18
N PRO G 6 9.10 -1.11 10.12
CA PRO G 6 7.75 -0.64 10.47
C PRO G 6 7.51 -0.65 11.98
N GLY G 7 6.78 0.36 12.44
CA GLY G 7 6.31 0.45 13.81
C GLY G 7 7.31 0.14 14.92
N ARG H 1 -25.11 1.25 9.99
CA ARG H 1 -26.22 2.19 9.96
C ARG H 1 -26.74 2.39 8.54
N SER H 2 -26.64 3.62 8.03
CA SER H 2 -27.11 3.96 6.70
C SER H 2 -26.06 4.80 5.99
N LEU H 3 -26.35 5.17 4.75
CA LEU H 3 -25.40 5.91 3.92
C LEU H 3 -25.86 7.34 3.69
N SEP H 4 -24.97 8.30 3.95
CA SEP H 4 -25.25 9.71 3.70
CB SEP H 4 -24.91 10.55 4.93
OG SEP H 4 -23.55 10.38 5.26
C SEP H 4 -24.48 10.25 2.48
O SEP H 4 -23.74 9.51 1.82
P SEP H 4 -23.13 11.12 6.63
O1P SEP H 4 -21.56 10.85 6.84
O2P SEP H 4 -23.96 10.54 7.89
O3P SEP H 4 -23.41 12.70 6.52
N ALA H 5 -24.69 11.53 2.18
CA ALA H 5 -23.97 12.18 1.10
C ALA H 5 -22.46 12.16 1.35
N PRO H 6 -21.68 11.74 0.34
CA PRO H 6 -20.22 11.63 0.46
C PRO H 6 -19.50 12.97 0.65
#